data_3BU7
#
_entry.id   3BU7
#
_cell.length_a   129.999
_cell.length_b   129.999
_cell.length_c   246.255
_cell.angle_alpha   90.000
_cell.angle_beta   90.000
_cell.angle_gamma   120.000
#
_symmetry.space_group_name_H-M   'H 3 2'
#
loop_
_entity.id
_entity.type
_entity.pdbx_description
1 polymer 'Gentisate 1,2-dioxygenase'
2 non-polymer 'FE (II) ION'
3 water water
#
_entity_poly.entity_id   1
_entity_poly.type   'polypeptide(L)'
_entity_poly.pdbx_seq_one_letter_code
;MGSSHHHHHHSSGLVPRGSHMAPTEIKPEDDILGRARVRDTPELEAYYDDLAKIETGALWTVANDIEPWEPTPKSAPVHW
KWSDLRREVLRAIDLVRPEDAGRRVVYLRNPQRKDVSAACGWLFSGIQTMKAGERAGAHRHAASALRFIMEGSGAYTIVD
GHKVELGANDFVLTPNGTWHEHGILESGTECIWQDGLDIPLTNCLEANFYEVHPNDYQTTDIPLNDSPLTYGGPALLPQL
DKWDKPYSPLLKYSWEPTYEALLNYAKASDGSPYDGLILRYTNPQTGGHPMLTMGASMQMLRPGEHTKAHRHTGNVIYNV
AKGQGYSIVGGKRFDWSEHDIFCVPAWTWHEHCNTQERDDACLFSFNDFPVMEKLGFWAEQALEDNGGHQIVAD
;
_entity_poly.pdbx_strand_id   A,B
#
# COMPACT_ATOMS: atom_id res chain seq x y z
N ARG A 39 17.28 48.54 -38.47
CA ARG A 39 18.43 47.59 -38.53
C ARG A 39 19.45 47.89 -37.43
N ASP A 40 20.32 46.92 -37.16
CA ASP A 40 21.42 47.05 -36.21
C ASP A 40 22.51 48.03 -36.67
N THR A 41 23.19 48.62 -35.71
CA THR A 41 24.28 49.55 -35.95
C THR A 41 25.59 48.77 -36.12
N PRO A 42 26.46 49.21 -37.06
CA PRO A 42 27.83 48.68 -37.19
C PRO A 42 28.57 48.50 -35.86
N GLU A 43 28.21 49.29 -34.85
CA GLU A 43 28.77 49.15 -33.50
C GLU A 43 28.21 47.93 -32.77
N LEU A 44 26.89 47.72 -32.87
CA LEU A 44 26.24 46.57 -32.27
C LEU A 44 26.67 45.25 -32.89
N GLU A 45 26.68 45.19 -34.22
CA GLU A 45 27.07 43.98 -34.97
C GLU A 45 28.53 43.60 -34.72
N ALA A 46 29.35 44.58 -34.33
CA ALA A 46 30.73 44.33 -33.94
C ALA A 46 30.80 43.83 -32.51
N TYR A 47 29.84 44.24 -31.69
CA TYR A 47 29.77 43.81 -30.30
C TYR A 47 29.33 42.36 -30.17
N TYR A 48 28.30 41.96 -30.93
CA TYR A 48 27.85 40.56 -30.95
C TYR A 48 28.95 39.64 -31.46
N ASP A 49 29.73 40.12 -32.42
CA ASP A 49 30.86 39.39 -32.95
C ASP A 49 31.96 39.21 -31.90
N ASP A 50 32.14 40.23 -31.05
CA ASP A 50 33.10 40.17 -29.95
C ASP A 50 32.66 39.18 -28.88
N LEU A 51 31.34 39.12 -28.63
CA LEU A 51 30.75 38.19 -27.67
C LEU A 51 30.90 36.73 -28.12
N ALA A 52 30.74 36.50 -29.42
CA ALA A 52 30.85 35.16 -30.00
C ALA A 52 32.28 34.60 -29.86
N LYS A 53 33.27 35.49 -29.98
CA LYS A 53 34.68 35.12 -29.84
C LYS A 53 35.02 34.49 -28.49
N ILE A 54 34.25 34.85 -27.46
CA ILE A 54 34.45 34.32 -26.11
C ILE A 54 33.30 33.39 -25.66
N GLU A 55 32.55 32.89 -26.63
CA GLU A 55 31.42 31.97 -26.41
C GLU A 55 30.30 32.55 -25.54
N THR A 56 29.88 33.76 -25.89
CA THR A 56 28.81 34.44 -25.18
C THR A 56 27.87 35.13 -26.18
N GLY A 57 26.73 35.60 -25.69
CA GLY A 57 25.78 36.33 -26.52
C GLY A 57 24.97 37.34 -25.71
N ALA A 58 24.15 38.12 -26.42
CA ALA A 58 23.25 39.06 -25.78
C ALA A 58 21.88 38.43 -25.64
N LEU A 59 21.29 38.51 -24.44
CA LEU A 59 20.00 37.86 -24.19
C LEU A 59 18.84 38.54 -24.94
N TRP A 60 19.02 39.80 -25.32
CA TRP A 60 17.98 40.50 -26.06
C TRP A 60 17.96 40.12 -27.54
N THR A 61 18.91 39.28 -27.95
CA THR A 61 19.05 38.85 -29.34
C THR A 61 18.40 37.48 -29.62
N VAL A 62 18.04 36.76 -28.55
CA VAL A 62 17.46 35.43 -28.68
C VAL A 62 15.93 35.48 -28.91
N ALA A 63 15.37 34.34 -29.33
CA ALA A 63 13.92 34.20 -29.49
C ALA A 63 13.23 34.45 -28.16
N ASN A 64 12.20 35.30 -28.19
CA ASN A 64 11.53 35.80 -26.99
C ASN A 64 11.01 34.72 -26.03
N ASP A 65 10.74 33.53 -26.57
CA ASP A 65 10.20 32.43 -25.77
C ASP A 65 11.29 31.51 -25.18
N ILE A 66 12.38 32.12 -24.71
CA ILE A 66 13.34 31.43 -23.86
C ILE A 66 12.70 31.25 -22.47
N GLU A 67 12.01 32.27 -22.01
CA GLU A 67 11.14 32.21 -20.83
C GLU A 67 9.70 32.46 -21.26
N PRO A 68 9.00 31.40 -21.73
CA PRO A 68 7.64 31.58 -22.25
C PRO A 68 6.63 31.81 -21.13
N TRP A 69 5.51 32.45 -21.49
CA TRP A 69 4.44 32.74 -20.53
C TRP A 69 3.84 31.44 -19.98
N GLU A 70 3.73 30.44 -20.86
CA GLU A 70 3.27 29.11 -20.51
C GLU A 70 3.86 28.09 -21.49
N PRO A 71 3.89 26.80 -21.11
CA PRO A 71 4.45 25.82 -22.03
C PRO A 71 3.56 25.59 -23.26
N THR A 72 4.19 25.26 -24.38
CA THR A 72 3.49 24.81 -25.58
C THR A 72 4.17 23.54 -26.07
N PRO A 73 3.42 22.42 -26.13
CA PRO A 73 3.99 21.12 -26.48
C PRO A 73 4.52 21.06 -27.92
N LYS A 74 5.69 20.45 -28.09
CA LYS A 74 6.17 20.09 -29.43
C LYS A 74 5.48 18.81 -29.91
N SER A 75 5.25 17.89 -28.98
CA SER A 75 4.48 16.68 -29.26
C SER A 75 3.05 17.00 -29.70
N ALA A 76 2.56 16.23 -30.67
CA ALA A 76 1.20 16.37 -31.19
C ALA A 76 0.34 15.18 -30.76
N PRO A 77 -0.98 15.40 -30.54
CA PRO A 77 -1.88 14.29 -30.23
C PRO A 77 -1.98 13.29 -31.38
N VAL A 78 -1.83 12.01 -31.07
CA VAL A 78 -1.94 10.95 -32.06
C VAL A 78 -2.80 9.80 -31.51
N HIS A 79 -3.50 9.11 -32.40
CA HIS A 79 -4.35 7.97 -32.04
C HIS A 79 -4.03 6.77 -32.92
N TRP A 80 -3.64 5.67 -32.28
CA TRP A 80 -3.27 4.44 -32.98
C TRP A 80 -4.34 3.38 -32.86
N LYS A 81 -4.87 2.95 -34.01
CA LYS A 81 -5.97 1.98 -34.08
C LYS A 81 -5.47 0.54 -33.91
N TRP A 82 -6.05 -0.17 -32.95
CA TRP A 82 -5.65 -1.55 -32.65
C TRP A 82 -5.71 -2.48 -33.87
N SER A 83 -6.71 -2.27 -34.73
CA SER A 83 -6.84 -3.03 -35.96
C SER A 83 -5.61 -2.89 -36.85
N ASP A 84 -5.10 -1.66 -36.96
CA ASP A 84 -3.88 -1.37 -37.69
C ASP A 84 -2.65 -1.99 -37.02
N LEU A 85 -2.53 -1.78 -35.71
CA LEU A 85 -1.38 -2.25 -34.95
C LEU A 85 -1.25 -3.77 -34.97
N ARG A 86 -2.35 -4.47 -34.69
CA ARG A 86 -2.34 -5.94 -34.68
C ARG A 86 -1.91 -6.48 -36.04
N ARG A 87 -2.45 -5.89 -37.10
CA ARG A 87 -2.19 -6.33 -38.46
C ARG A 87 -0.73 -6.09 -38.86
N GLU A 88 -0.25 -4.87 -38.63
CA GLU A 88 1.10 -4.50 -39.05
C GLU A 88 2.22 -5.14 -38.24
N VAL A 89 1.96 -5.40 -36.96
CA VAL A 89 2.95 -6.07 -36.08
C VAL A 89 3.12 -7.53 -36.45
N LEU A 90 2.00 -8.24 -36.61
CA LEU A 90 2.00 -9.63 -37.05
C LEU A 90 2.57 -9.77 -38.46
N ARG A 91 2.36 -8.75 -39.29
CA ARG A 91 2.89 -8.71 -40.66
C ARG A 91 4.41 -8.72 -40.67
N ALA A 92 5.00 -8.15 -39.61
CA ALA A 92 6.46 -8.02 -39.47
C ALA A 92 7.21 -9.35 -39.39
N ILE A 93 6.54 -10.38 -38.89
CA ILE A 93 7.17 -11.70 -38.67
C ILE A 93 7.76 -12.27 -39.96
N ASP A 94 6.99 -12.22 -41.04
CA ASP A 94 7.38 -12.81 -42.31
C ASP A 94 8.28 -11.91 -43.17
N LEU A 95 8.37 -10.64 -42.82
CA LEU A 95 9.15 -9.68 -43.60
C LEU A 95 10.49 -9.30 -42.98
N VAL A 96 10.74 -9.74 -41.76
CA VAL A 96 11.99 -9.44 -41.05
C VAL A 96 13.14 -10.38 -41.46
N ARG A 97 14.34 -9.81 -41.57
CA ARG A 97 15.55 -10.53 -41.92
C ARG A 97 15.94 -11.53 -40.80
N PRO A 98 16.78 -12.55 -41.12
CA PRO A 98 17.41 -13.36 -40.07
C PRO A 98 18.10 -12.52 -39.00
N GLU A 99 18.82 -11.47 -39.43
CA GLU A 99 19.37 -10.47 -38.51
C GLU A 99 18.25 -9.55 -37.99
N ASP A 100 18.54 -8.81 -36.92
CA ASP A 100 17.56 -7.96 -36.24
C ASP A 100 16.42 -8.80 -35.66
N ALA A 101 16.72 -9.50 -34.57
CA ALA A 101 15.78 -10.39 -33.90
C ALA A 101 14.62 -9.63 -33.26
N GLY A 102 14.95 -8.61 -32.45
CA GLY A 102 13.93 -7.78 -31.83
C GLY A 102 14.44 -6.69 -30.90
N ARG A 103 14.75 -5.48 -31.40
CA ARG A 103 14.70 -5.04 -32.82
C ARG A 103 13.35 -5.04 -33.55
N ARG A 104 12.70 -6.20 -33.62
CA ARG A 104 11.42 -6.35 -34.32
C ARG A 104 10.26 -5.76 -33.51
N VAL A 105 10.22 -4.43 -33.50
CA VAL A 105 9.19 -3.69 -32.78
C VAL A 105 8.62 -2.63 -33.70
N VAL A 106 7.31 -2.44 -33.63
CA VAL A 106 6.67 -1.33 -34.31
C VAL A 106 6.53 -0.20 -33.29
N TYR A 107 7.47 0.75 -33.34
CA TYR A 107 7.46 1.87 -32.41
C TYR A 107 6.51 2.97 -32.86
N LEU A 108 5.82 3.58 -31.90
CA LEU A 108 4.86 4.63 -32.18
C LEU A 108 5.58 5.97 -32.30
N ARG A 109 5.76 6.44 -33.53
CA ARG A 109 6.49 7.68 -33.77
C ARG A 109 5.54 8.88 -33.84
N ASN A 110 5.76 9.82 -32.94
CA ASN A 110 5.05 11.08 -32.99
C ASN A 110 5.63 11.92 -34.12
N PRO A 111 4.77 12.50 -34.98
CA PRO A 111 5.20 13.30 -36.14
C PRO A 111 6.16 14.43 -35.76
N GLN A 112 5.93 15.04 -34.60
CA GLN A 112 6.72 16.17 -34.13
C GLN A 112 7.85 15.73 -33.21
N ARG A 113 8.06 14.42 -33.11
CA ARG A 113 9.01 13.85 -32.18
C ARG A 113 9.83 12.77 -32.89
N LYS A 114 9.93 12.90 -34.22
CA LYS A 114 10.59 11.91 -35.07
C LYS A 114 12.07 11.72 -34.76
N ASP A 115 12.76 12.82 -34.45
CA ASP A 115 14.20 12.80 -34.22
C ASP A 115 14.62 11.95 -33.03
N VAL A 116 13.78 11.91 -32.00
CA VAL A 116 14.07 11.13 -30.79
C VAL A 116 13.20 9.86 -30.68
N SER A 117 12.40 9.61 -31.72
CA SER A 117 11.55 8.42 -31.84
C SER A 117 10.60 8.19 -30.66
N ALA A 118 10.15 9.28 -30.04
CA ALA A 118 9.23 9.19 -28.91
C ALA A 118 7.77 9.13 -29.35
N ALA A 119 6.92 8.58 -28.49
CA ALA A 119 5.49 8.54 -28.71
C ALA A 119 4.83 9.83 -28.23
N CYS A 120 5.14 10.22 -26.99
CA CYS A 120 4.74 11.52 -26.43
C CYS A 120 5.88 12.08 -25.58
N GLY A 121 6.14 13.37 -25.72
CA GLY A 121 7.16 14.07 -24.95
C GLY A 121 8.50 13.35 -24.97
N TRP A 122 8.85 12.75 -23.84
CA TRP A 122 10.09 12.01 -23.69
C TRP A 122 9.87 10.52 -23.41
N LEU A 123 8.72 10.02 -23.85
CA LEU A 123 8.36 8.61 -23.62
C LEU A 123 8.36 7.82 -24.92
N PHE A 124 8.99 6.65 -24.86
CA PHE A 124 9.05 5.72 -26.00
C PHE A 124 7.99 4.64 -25.83
N SER A 125 7.37 4.25 -26.93
CA SER A 125 6.40 3.16 -26.90
C SER A 125 6.46 2.33 -28.17
N GLY A 126 6.46 1.01 -27.99
CA GLY A 126 6.49 0.08 -29.11
C GLY A 126 5.56 -1.10 -28.91
N ILE A 127 5.08 -1.65 -30.01
CA ILE A 127 4.26 -2.86 -30.00
C ILE A 127 5.11 -4.02 -30.48
N GLN A 128 5.03 -5.14 -29.77
CA GLN A 128 5.87 -6.30 -30.06
C GLN A 128 5.10 -7.61 -29.92
N THR A 129 5.62 -8.66 -30.54
CA THR A 129 5.00 -9.97 -30.49
C THR A 129 6.01 -11.12 -30.37
N MET A 130 5.58 -12.21 -29.75
CA MET A 130 6.36 -13.44 -29.62
C MET A 130 5.46 -14.67 -29.63
N LYS A 131 5.99 -15.79 -30.10
CA LYS A 131 5.30 -17.08 -30.03
C LYS A 131 5.75 -17.84 -28.79
N ALA A 132 5.02 -18.90 -28.45
CA ALA A 132 5.36 -19.77 -27.32
C ALA A 132 6.80 -20.27 -27.41
N GLY A 133 7.53 -20.17 -26.29
CA GLY A 133 8.89 -20.69 -26.20
C GLY A 133 9.99 -19.73 -26.62
N GLU A 134 9.60 -18.63 -27.26
CA GLU A 134 10.56 -17.63 -27.71
C GLU A 134 11.14 -16.86 -26.52
N ARG A 135 12.35 -16.33 -26.70
CA ARG A 135 13.22 -16.01 -25.58
C ARG A 135 14.20 -14.89 -25.95
N ALA A 136 14.17 -13.82 -25.17
CA ALA A 136 15.13 -12.72 -25.33
C ALA A 136 16.09 -12.65 -24.14
N GLY A 137 17.38 -12.46 -24.45
CA GLY A 137 18.43 -12.45 -23.44
C GLY A 137 18.34 -11.33 -22.42
N ALA A 138 18.94 -11.54 -21.26
CA ALA A 138 18.91 -10.58 -20.17
C ALA A 138 19.90 -9.45 -20.36
N HIS A 139 19.46 -8.24 -20.00
CA HIS A 139 20.30 -7.06 -20.00
C HIS A 139 19.78 -6.05 -18.97
N ARG A 140 20.51 -4.96 -18.76
CA ARG A 140 20.02 -3.86 -17.95
C ARG A 140 20.31 -2.50 -18.60
N HIS A 141 19.43 -1.54 -18.31
CA HIS A 141 19.63 -0.16 -18.76
C HIS A 141 19.13 0.85 -17.74
N ALA A 142 19.64 2.09 -17.86
CA ALA A 142 19.21 3.20 -17.01
C ALA A 142 17.77 3.59 -17.32
N ALA A 143 17.36 3.38 -18.57
CA ALA A 143 15.98 3.58 -18.98
C ALA A 143 15.06 2.62 -18.21
N SER A 144 13.99 3.17 -17.63
CA SER A 144 12.97 2.37 -16.99
C SER A 144 11.93 1.97 -18.02
N ALA A 145 11.23 0.86 -17.77
CA ALA A 145 10.26 0.34 -18.74
C ALA A 145 9.09 -0.38 -18.08
N LEU A 146 7.96 -0.40 -18.79
CA LEU A 146 6.84 -1.25 -18.43
C LEU A 146 6.26 -1.91 -19.67
N ARG A 147 5.69 -3.09 -19.46
CA ARG A 147 5.20 -3.93 -20.54
C ARG A 147 3.75 -4.33 -20.26
N PHE A 148 2.84 -3.79 -21.07
CA PHE A 148 1.40 -3.98 -20.88
C PHE A 148 0.85 -4.95 -21.91
N ILE A 149 0.51 -6.16 -21.45
CA ILE A 149 0.01 -7.22 -22.33
C ILE A 149 -1.40 -6.87 -22.82
N MET A 150 -1.61 -6.98 -24.12
CA MET A 150 -2.95 -6.71 -24.68
C MET A 150 -3.62 -7.91 -25.36
N GLU A 151 -2.84 -8.95 -25.66
CA GLU A 151 -3.40 -10.19 -26.20
C GLU A 151 -2.53 -11.41 -25.91
N GLY A 152 -3.18 -12.57 -25.75
CA GLY A 152 -2.50 -13.85 -25.64
C GLY A 152 -2.25 -14.30 -24.22
N SER A 153 -1.64 -15.48 -24.08
CA SER A 153 -1.30 -16.04 -22.77
C SER A 153 0.10 -16.64 -22.76
N GLY A 154 0.68 -16.71 -21.57
CA GLY A 154 1.99 -17.35 -21.39
C GLY A 154 3.16 -16.39 -21.31
N ALA A 155 2.89 -15.09 -21.41
CA ALA A 155 3.93 -14.06 -21.35
C ALA A 155 4.59 -14.01 -19.97
N TYR A 156 5.91 -13.90 -19.95
CA TYR A 156 6.65 -13.83 -18.69
C TYR A 156 7.81 -12.82 -18.73
N THR A 157 8.28 -12.46 -17.55
CA THR A 157 9.42 -11.56 -17.38
C THR A 157 10.20 -11.93 -16.11
N ILE A 158 11.52 -12.08 -16.23
CA ILE A 158 12.36 -12.22 -15.05
C ILE A 158 13.03 -10.90 -14.75
N VAL A 159 12.71 -10.32 -13.60
CA VAL A 159 13.34 -9.09 -13.14
C VAL A 159 14.15 -9.41 -11.89
N ASP A 160 15.47 -9.31 -12.00
CA ASP A 160 16.42 -9.63 -10.92
C ASP A 160 16.14 -10.96 -10.22
N GLY A 161 15.82 -11.98 -11.01
CA GLY A 161 15.53 -13.32 -10.48
C GLY A 161 14.07 -13.59 -10.19
N HIS A 162 13.25 -12.55 -10.13
CA HIS A 162 11.82 -12.70 -9.87
C HIS A 162 11.06 -12.93 -11.16
N LYS A 163 10.57 -14.15 -11.35
CA LYS A 163 9.78 -14.47 -12.54
C LYS A 163 8.30 -14.12 -12.33
N VAL A 164 7.68 -13.58 -13.36
CA VAL A 164 6.31 -13.09 -13.30
C VAL A 164 5.58 -13.49 -14.57
N GLU A 165 4.42 -14.11 -14.42
CA GLU A 165 3.57 -14.45 -15.57
C GLU A 165 2.42 -13.47 -15.74
N LEU A 166 2.13 -13.11 -16.99
CA LEU A 166 1.19 -12.04 -17.30
C LEU A 166 0.11 -12.46 -18.28
N GLY A 167 -1.12 -12.00 -18.00
CA GLY A 167 -2.25 -12.19 -18.91
C GLY A 167 -2.67 -10.85 -19.52
N ALA A 168 -3.73 -10.87 -20.30
CA ALA A 168 -4.26 -9.65 -20.94
C ALA A 168 -4.58 -8.55 -19.93
N ASN A 169 -4.10 -7.35 -20.23
CA ASN A 169 -4.29 -6.14 -19.40
C ASN A 169 -3.48 -6.10 -18.09
N ASP A 170 -2.64 -7.09 -17.88
CA ASP A 170 -1.64 -7.06 -16.82
C ASP A 170 -0.42 -6.30 -17.34
N PHE A 171 0.29 -5.62 -16.44
CA PHE A 171 1.59 -5.05 -16.82
C PHE A 171 2.68 -5.36 -15.81
N VAL A 172 3.90 -5.52 -16.34
CA VAL A 172 5.07 -5.79 -15.53
C VAL A 172 6.03 -4.60 -15.55
N LEU A 173 6.69 -4.35 -14.43
CA LEU A 173 7.71 -3.32 -14.33
C LEU A 173 9.09 -3.91 -14.60
N THR A 174 9.91 -3.20 -15.38
CA THR A 174 11.35 -3.49 -15.45
C THR A 174 12.12 -2.20 -15.15
N PRO A 175 12.27 -1.86 -13.86
CA PRO A 175 12.83 -0.56 -13.45
C PRO A 175 14.33 -0.40 -13.73
N ASN A 176 14.75 0.86 -13.79
CA ASN A 176 16.14 1.27 -13.97
C ASN A 176 17.17 0.33 -13.34
N GLY A 177 18.08 -0.18 -14.16
CA GLY A 177 19.26 -0.92 -13.68
C GLY A 177 19.06 -2.37 -13.27
N THR A 178 17.85 -2.90 -13.48
CA THR A 178 17.55 -4.28 -13.11
C THR A 178 17.84 -5.24 -14.26
N TRP A 179 18.37 -6.42 -13.93
CA TRP A 179 18.49 -7.49 -14.90
C TRP A 179 17.10 -7.95 -15.30
N HIS A 180 16.74 -7.75 -16.56
CA HIS A 180 15.46 -8.23 -17.05
C HIS A 180 15.57 -8.98 -18.37
N GLU A 181 14.69 -9.95 -18.54
CA GLU A 181 14.55 -10.72 -19.77
C GLU A 181 13.06 -11.04 -19.96
N HIS A 182 12.65 -11.22 -21.22
CA HIS A 182 11.26 -11.50 -21.53
C HIS A 182 11.13 -12.84 -22.25
N GLY A 183 9.91 -13.37 -22.28
CA GLY A 183 9.62 -14.59 -23.03
C GLY A 183 8.17 -14.99 -22.98
N ILE A 184 7.85 -16.07 -23.69
CA ILE A 184 6.54 -16.70 -23.61
C ILE A 184 6.75 -18.13 -23.14
N LEU A 185 5.96 -18.56 -22.17
CA LEU A 185 5.99 -19.94 -21.70
C LEU A 185 5.76 -20.91 -22.87
N GLU A 186 6.23 -22.15 -22.71
CA GLU A 186 6.16 -23.15 -23.77
C GLU A 186 4.73 -23.51 -24.16
N SER A 187 3.81 -23.40 -23.21
CA SER A 187 2.39 -23.71 -23.41
C SER A 187 1.55 -22.50 -23.81
N GLY A 188 2.18 -21.33 -23.84
CA GLY A 188 1.47 -20.09 -24.14
C GLY A 188 1.03 -19.97 -25.58
N THR A 189 0.29 -18.91 -25.88
CA THR A 189 -0.11 -18.61 -27.24
C THR A 189 0.74 -17.46 -27.77
N GLU A 190 0.45 -17.02 -28.99
CA GLU A 190 1.09 -15.84 -29.57
C GLU A 190 0.64 -14.61 -28.78
N CYS A 191 1.60 -13.84 -28.28
CA CYS A 191 1.28 -12.68 -27.44
C CYS A 191 1.67 -11.35 -28.07
N ILE A 192 0.84 -10.34 -27.86
CA ILE A 192 1.08 -8.99 -28.34
C ILE A 192 0.97 -8.01 -27.16
N TRP A 193 2.00 -7.20 -26.98
CA TRP A 193 2.06 -6.27 -25.85
C TRP A 193 2.55 -4.89 -26.27
N GLN A 194 2.39 -3.93 -25.36
CA GLN A 194 2.93 -2.59 -25.55
C GLN A 194 4.06 -2.36 -24.58
N ASP A 195 5.17 -1.83 -25.09
CA ASP A 195 6.27 -1.40 -24.24
C ASP A 195 6.23 0.11 -24.06
N GLY A 196 6.43 0.56 -22.83
CA GLY A 196 6.57 1.98 -22.52
C GLY A 196 7.86 2.22 -21.78
N LEU A 197 8.73 3.06 -22.35
CA LEU A 197 10.04 3.37 -21.77
C LEU A 197 10.30 4.87 -21.72
N ASP A 198 11.29 5.27 -20.93
CA ASP A 198 11.70 6.67 -20.86
C ASP A 198 13.08 6.88 -21.49
N ILE A 199 13.40 6.06 -22.49
CA ILE A 199 14.66 6.17 -23.24
C ILE A 199 14.98 7.61 -23.68
N PRO A 200 14.03 8.31 -24.33
CA PRO A 200 14.30 9.68 -24.76
C PRO A 200 14.66 10.63 -23.61
N LEU A 201 14.00 10.45 -22.47
CA LEU A 201 14.31 11.22 -21.26
C LEU A 201 15.69 10.85 -20.74
N THR A 202 15.99 9.55 -20.73
CA THR A 202 17.28 9.04 -20.26
C THR A 202 18.42 9.55 -21.13
N ASN A 203 18.15 9.67 -22.43
CA ASN A 203 19.15 10.15 -23.39
C ASN A 203 19.37 11.65 -23.33
N CYS A 204 18.28 12.42 -23.33
CA CYS A 204 18.38 13.86 -23.37
C CYS A 204 19.02 14.39 -22.10
N LEU A 205 18.80 13.69 -21.00
CA LEU A 205 19.44 14.00 -19.72
C LEU A 205 20.87 13.48 -19.60
N GLU A 206 21.32 12.75 -20.63
CA GLU A 206 22.67 12.20 -20.68
C GLU A 206 22.94 11.33 -19.47
N ALA A 207 22.19 10.24 -19.38
CA ALA A 207 22.22 9.37 -18.21
C ALA A 207 22.08 7.92 -18.62
N ASN A 208 22.05 7.68 -19.93
CA ASN A 208 21.86 6.34 -20.49
C ASN A 208 23.04 5.40 -20.26
N PHE A 209 22.72 4.17 -19.85
CA PHE A 209 23.71 3.11 -19.69
C PHE A 209 23.10 1.79 -20.14
N TYR A 210 23.94 0.91 -20.68
CA TYR A 210 23.49 -0.39 -21.16
C TYR A 210 24.58 -1.44 -21.02
N GLU A 211 24.19 -2.64 -20.60
CA GLU A 211 25.07 -3.82 -20.66
C GLU A 211 24.29 -5.13 -20.72
N VAL A 212 24.76 -6.06 -21.56
CA VAL A 212 24.19 -7.41 -21.65
C VAL A 212 24.63 -8.24 -20.44
N HIS A 213 23.81 -9.23 -20.07
CA HIS A 213 24.11 -10.10 -18.93
C HIS A 213 25.39 -10.90 -19.20
N PRO A 214 26.35 -10.87 -18.26
CA PRO A 214 27.65 -11.54 -18.40
C PRO A 214 27.54 -13.00 -18.84
N ASN A 215 26.43 -13.67 -18.51
CA ASN A 215 26.14 -14.98 -19.09
C ASN A 215 24.72 -15.16 -19.64
N ASP A 216 24.33 -14.20 -20.49
CA ASP A 216 23.10 -14.27 -21.31
C ASP A 216 21.76 -14.29 -20.57
N TYR A 217 21.59 -15.26 -19.67
CA TYR A 217 20.34 -15.44 -18.97
C TYR A 217 20.52 -15.52 -17.46
N GLN A 218 19.54 -15.01 -16.73
CA GLN A 218 19.54 -15.01 -15.28
C GLN A 218 19.30 -16.40 -14.71
N THR A 219 19.98 -16.71 -13.60
CA THR A 219 19.79 -17.96 -12.90
C THR A 219 19.04 -17.68 -11.60
N THR A 220 17.90 -18.32 -11.43
CA THR A 220 17.07 -18.12 -10.23
C THR A 220 16.24 -19.34 -9.85
N ASP A 221 16.17 -19.63 -8.56
CA ASP A 221 15.31 -20.69 -8.04
C ASP A 221 14.16 -20.14 -7.21
N ILE A 222 13.97 -18.82 -7.25
CA ILE A 222 12.87 -18.13 -6.59
C ILE A 222 11.52 -18.54 -7.21
N PRO A 223 10.53 -18.92 -6.37
CA PRO A 223 9.22 -19.42 -6.83
C PRO A 223 8.50 -18.46 -7.79
N LEU A 224 7.75 -19.03 -8.75
CA LEU A 224 7.04 -18.26 -9.77
C LEU A 224 6.03 -17.29 -9.16
N ASN A 225 5.97 -16.08 -9.72
CA ASN A 225 5.06 -15.01 -9.29
C ASN A 225 5.26 -14.57 -7.84
N ASP A 226 6.45 -14.83 -7.30
CA ASP A 226 6.74 -14.54 -5.89
C ASP A 226 6.36 -13.11 -5.51
N SER A 227 6.67 -12.17 -6.40
CA SER A 227 6.46 -10.73 -6.16
C SER A 227 4.98 -10.35 -5.98
N PRO A 228 4.13 -10.55 -7.03
CA PRO A 228 2.70 -10.27 -6.84
C PRO A 228 2.05 -11.05 -5.71
N LEU A 229 2.53 -12.27 -5.46
CA LEU A 229 1.94 -13.10 -4.41
C LEU A 229 2.32 -12.65 -3.01
N THR A 230 3.51 -12.05 -2.87
CA THR A 230 3.99 -11.61 -1.56
C THR A 230 3.69 -10.14 -1.24
N TYR A 231 3.67 -9.29 -2.26
CA TYR A 231 3.48 -7.85 -2.08
C TYR A 231 2.15 -7.33 -2.67
N GLY A 232 1.34 -8.25 -3.20
CA GLY A 232 0.13 -7.89 -3.92
C GLY A 232 -1.15 -7.80 -3.10
N GLY A 233 -1.05 -8.09 -1.81
CA GLY A 233 -2.21 -8.02 -0.90
C GLY A 233 -2.63 -6.60 -0.58
N PRO A 234 -3.96 -6.36 -0.45
CA PRO A 234 -4.49 -5.03 -0.09
C PRO A 234 -4.00 -4.55 1.27
N ALA A 235 -3.19 -3.49 1.27
CA ALA A 235 -2.62 -2.89 2.49
C ALA A 235 -1.91 -3.91 3.39
N LEU A 236 -1.08 -4.75 2.77
CA LEU A 236 -0.53 -5.93 3.43
C LEU A 236 0.91 -6.18 2.97
N LEU A 237 1.83 -6.29 3.92
CA LEU A 237 3.25 -6.50 3.62
C LEU A 237 3.87 -7.55 4.54
N PRO A 238 4.90 -8.28 4.06
CA PRO A 238 5.61 -9.22 4.94
C PRO A 238 6.15 -8.51 6.18
N GLN A 239 6.06 -9.17 7.33
CA GLN A 239 6.50 -8.61 8.61
C GLN A 239 7.95 -8.14 8.57
N LEU A 240 8.83 -8.97 8.02
CA LEU A 240 10.21 -8.58 7.77
C LEU A 240 10.32 -8.26 6.29
N ASP A 241 10.64 -7.01 5.98
CA ASP A 241 10.75 -6.58 4.59
C ASP A 241 12.21 -6.35 4.21
N LYS A 242 12.83 -7.42 3.73
CA LYS A 242 14.26 -7.43 3.38
C LYS A 242 14.55 -6.60 2.13
N TRP A 243 13.50 -6.02 1.57
CA TRP A 243 13.57 -5.33 0.28
C TRP A 243 13.89 -3.83 0.47
N ASP A 244 15.07 -3.42 0.02
CA ASP A 244 15.50 -2.02 0.11
C ASP A 244 15.93 -1.48 -1.25
N LYS A 245 14.96 -1.30 -2.14
CA LYS A 245 15.18 -0.65 -3.42
C LYS A 245 14.19 0.50 -3.56
N PRO A 246 14.57 1.58 -4.26
CA PRO A 246 13.70 2.76 -4.38
C PRO A 246 12.47 2.59 -5.29
N TYR A 247 12.45 1.53 -6.10
CA TYR A 247 11.29 1.21 -6.94
C TYR A 247 10.37 0.19 -6.26
N SER A 248 9.23 -0.11 -6.88
CA SER A 248 8.24 -1.02 -6.30
C SER A 248 8.71 -2.47 -6.17
N PRO A 249 8.49 -3.10 -4.99
CA PRO A 249 8.69 -4.53 -4.78
C PRO A 249 7.63 -5.36 -5.48
N LEU A 250 6.48 -4.76 -5.73
CA LEU A 250 5.44 -5.37 -6.55
C LEU A 250 5.74 -5.03 -8.01
N LEU A 251 6.06 -6.04 -8.79
CA LEU A 251 6.50 -5.85 -10.16
C LEU A 251 5.43 -6.17 -11.21
N LYS A 252 4.35 -6.82 -10.77
CA LYS A 252 3.23 -7.19 -11.63
C LYS A 252 1.92 -6.64 -11.06
N TYR A 253 1.20 -5.88 -11.87
CA TYR A 253 -0.10 -5.33 -11.46
C TYR A 253 -1.21 -5.96 -12.27
N SER A 254 -2.08 -6.70 -11.58
CA SER A 254 -3.06 -7.55 -12.24
C SER A 254 -4.34 -6.81 -12.63
N TRP A 255 -4.87 -7.19 -13.80
CA TRP A 255 -6.07 -6.57 -14.37
C TRP A 255 -7.33 -6.87 -13.55
N GLU A 256 -7.52 -8.12 -13.17
CA GLU A 256 -8.75 -8.57 -12.50
C GLU A 256 -8.99 -7.86 -11.16
N PRO A 257 -7.99 -7.88 -10.24
CA PRO A 257 -8.17 -7.19 -8.95
C PRO A 257 -8.31 -5.68 -9.10
N THR A 258 -7.62 -5.10 -10.07
CA THR A 258 -7.72 -3.67 -10.38
C THR A 258 -9.13 -3.32 -10.89
N TYR A 259 -9.68 -4.17 -11.75
CA TYR A 259 -11.06 -4.02 -12.22
C TYR A 259 -12.02 -4.11 -11.05
N GLU A 260 -11.81 -5.14 -10.22
CA GLU A 260 -12.61 -5.40 -9.02
C GLU A 260 -12.60 -4.20 -8.07
N ALA A 261 -11.45 -3.54 -7.97
CA ALA A 261 -11.27 -2.39 -7.08
C ALA A 261 -11.95 -1.14 -7.62
N LEU A 262 -11.98 -0.99 -8.94
CA LEU A 262 -12.64 0.15 -9.58
C LEU A 262 -14.16 0.06 -9.43
N LEU A 263 -14.68 -1.17 -9.52
CA LEU A 263 -16.10 -1.44 -9.23
C LEU A 263 -16.44 -1.08 -7.78
N ASN A 264 -15.55 -1.41 -6.86
CA ASN A 264 -15.73 -1.05 -5.46
C ASN A 264 -15.69 0.46 -5.22
N TYR A 265 -14.78 1.13 -5.91
CA TYR A 265 -14.65 2.59 -5.88
C TYR A 265 -15.91 3.26 -6.43
N ALA A 266 -16.56 2.60 -7.39
CA ALA A 266 -17.80 3.09 -8.00
C ALA A 266 -18.98 3.11 -7.04
N LYS A 267 -18.91 2.31 -5.98
CA LYS A 267 -20.00 2.20 -5.01
C LYS A 267 -20.02 3.34 -3.98
N ALA A 268 -18.94 4.13 -3.93
CA ALA A 268 -18.78 5.12 -2.86
C ALA A 268 -18.32 6.51 -3.30
N SER A 269 -17.90 6.66 -4.55
CA SER A 269 -17.43 7.95 -5.04
C SER A 269 -17.79 8.18 -6.50
N ASP A 270 -17.81 9.46 -6.90
CA ASP A 270 -17.98 9.84 -8.31
C ASP A 270 -16.64 10.07 -9.01
N GLY A 271 -15.57 10.11 -8.23
CA GLY A 271 -14.21 10.32 -8.76
C GLY A 271 -13.97 11.78 -9.10
N SER A 272 -13.10 12.02 -10.08
CA SER A 272 -12.80 13.39 -10.50
C SER A 272 -13.67 13.78 -11.70
N PRO A 273 -13.98 15.08 -11.82
CA PRO A 273 -14.76 15.57 -12.96
C PRO A 273 -14.06 15.39 -14.30
N TYR A 274 -12.74 15.22 -14.27
CA TYR A 274 -11.92 15.22 -15.48
C TYR A 274 -11.44 13.82 -15.90
N ASP A 275 -11.60 12.84 -15.02
CA ASP A 275 -11.09 11.49 -15.26
C ASP A 275 -12.06 10.39 -14.85
N GLY A 276 -13.12 10.77 -14.14
CA GLY A 276 -14.06 9.80 -13.58
C GLY A 276 -13.42 9.04 -12.44
N LEU A 277 -13.67 7.74 -12.39
CA LEU A 277 -13.12 6.90 -11.32
C LEU A 277 -11.69 6.49 -11.65
N ILE A 278 -10.75 7.33 -11.21
CA ILE A 278 -9.34 7.18 -11.55
C ILE A 278 -8.52 6.67 -10.36
N LEU A 279 -7.87 5.52 -10.55
CA LEU A 279 -6.92 4.99 -9.59
C LEU A 279 -5.53 4.96 -10.20
N ARG A 280 -4.53 5.37 -9.43
CA ARG A 280 -3.14 5.27 -9.87
C ARG A 280 -2.45 4.09 -9.18
N TYR A 281 -1.53 3.46 -9.89
CA TYR A 281 -0.75 2.36 -9.34
C TYR A 281 0.31 2.88 -8.38
N THR A 282 0.65 2.09 -7.38
CA THR A 282 1.55 2.53 -6.33
C THR A 282 2.73 1.58 -6.07
N ASN A 283 3.74 2.11 -5.41
CA ASN A 283 4.74 1.32 -4.71
C ASN A 283 4.17 1.10 -3.31
N PRO A 284 3.78 -0.15 -2.99
CA PRO A 284 3.10 -0.45 -1.72
C PRO A 284 3.97 -0.34 -0.47
N GLN A 285 5.29 -0.18 -0.67
CA GLN A 285 6.22 0.08 0.43
C GLN A 285 6.25 1.55 0.85
N THR A 286 5.84 2.43 -0.06
CA THR A 286 6.01 3.88 0.13
C THR A 286 4.70 4.64 -0.03
N GLY A 287 3.79 4.11 -0.84
CA GLY A 287 2.59 4.83 -1.25
C GLY A 287 2.85 5.67 -2.49
N GLY A 288 4.12 5.86 -2.82
CA GLY A 288 4.54 6.63 -3.99
C GLY A 288 4.40 5.85 -5.28
N HIS A 289 4.95 6.40 -6.36
CA HIS A 289 4.82 5.81 -7.70
C HIS A 289 5.64 4.52 -7.85
N PRO A 290 5.22 3.61 -8.77
CA PRO A 290 5.90 2.32 -8.94
C PRO A 290 7.36 2.46 -9.33
N MET A 291 7.69 3.52 -10.06
CA MET A 291 9.07 3.80 -10.47
C MET A 291 9.44 5.26 -10.23
N LEU A 292 10.74 5.55 -10.39
CA LEU A 292 11.25 6.89 -10.14
C LEU A 292 10.87 7.93 -11.19
N THR A 293 10.77 7.51 -12.46
CA THR A 293 10.49 8.42 -13.56
C THR A 293 9.11 8.21 -14.18
N MET A 294 8.51 7.06 -13.93
CA MET A 294 7.24 6.71 -14.57
C MET A 294 6.15 6.32 -13.59
N GLY A 295 4.95 6.82 -13.85
CA GLY A 295 3.76 6.42 -13.11
C GLY A 295 2.78 5.79 -14.08
N ALA A 296 1.75 5.13 -13.52
CA ALA A 296 0.69 4.54 -14.33
C ALA A 296 -0.65 4.68 -13.62
N SER A 297 -1.73 4.67 -14.39
CA SER A 297 -3.08 4.79 -13.85
C SER A 297 -4.05 3.86 -14.56
N MET A 298 -5.16 3.56 -13.89
CA MET A 298 -6.29 2.88 -14.50
C MET A 298 -7.57 3.59 -14.07
N GLN A 299 -8.41 3.95 -15.04
CA GLN A 299 -9.65 4.66 -14.74
C GLN A 299 -10.86 3.96 -15.34
N MET A 300 -12.00 4.13 -14.66
CA MET A 300 -13.26 3.59 -15.15
C MET A 300 -14.26 4.70 -15.45
N LEU A 301 -14.79 4.68 -16.67
CA LEU A 301 -15.82 5.60 -17.09
C LEU A 301 -17.17 4.89 -17.08
N ARG A 302 -18.12 5.45 -16.34
CA ARG A 302 -19.46 4.89 -16.21
C ARG A 302 -20.25 5.00 -17.51
N PRO A 303 -21.25 4.12 -17.71
CA PRO A 303 -22.08 4.19 -18.91
C PRO A 303 -22.54 5.60 -19.22
N GLY A 304 -22.28 6.05 -20.44
CA GLY A 304 -22.69 7.38 -20.90
C GLY A 304 -21.93 8.56 -20.32
N GLU A 305 -20.93 8.28 -19.47
CA GLU A 305 -20.17 9.35 -18.80
C GLU A 305 -19.33 10.16 -19.78
N HIS A 306 -19.28 11.46 -19.55
CA HIS A 306 -18.47 12.37 -20.34
C HIS A 306 -17.83 13.38 -19.40
N THR A 307 -16.51 13.26 -19.25
CA THR A 307 -15.77 14.09 -18.31
C THR A 307 -15.62 15.53 -18.81
N LYS A 308 -15.25 16.43 -17.89
CA LYS A 308 -14.89 17.79 -18.26
C LYS A 308 -13.44 17.78 -18.73
N ALA A 309 -12.97 18.94 -19.19
CA ALA A 309 -11.63 19.03 -19.76
C ALA A 309 -10.66 19.75 -18.85
N HIS A 310 -9.42 19.27 -18.84
CA HIS A 310 -8.32 19.96 -18.18
C HIS A 310 -7.02 19.80 -18.97
N ARG A 311 -5.95 20.41 -18.45
CA ARG A 311 -4.62 20.26 -19.01
C ARG A 311 -3.61 20.24 -17.87
N HIS A 312 -2.48 19.59 -18.09
CA HIS A 312 -1.40 19.48 -17.09
C HIS A 312 -0.03 19.28 -17.74
N THR A 313 1.02 19.37 -16.93
CA THR A 313 2.40 19.47 -17.41
C THR A 313 3.05 18.15 -17.83
N GLY A 314 2.36 17.04 -17.62
CA GLY A 314 2.91 15.74 -17.98
C GLY A 314 2.46 15.27 -19.35
N ASN A 315 3.15 14.25 -19.86
CA ASN A 315 2.73 13.54 -21.07
C ASN A 315 2.06 12.23 -20.68
N VAL A 316 0.97 11.88 -21.35
CA VAL A 316 0.21 10.68 -21.02
C VAL A 316 -0.07 9.85 -22.27
N ILE A 317 0.19 8.54 -22.18
CA ILE A 317 -0.12 7.60 -23.26
C ILE A 317 -1.18 6.62 -22.78
N TYR A 318 -2.33 6.63 -23.43
CA TYR A 318 -3.47 5.81 -23.03
C TYR A 318 -3.54 4.52 -23.81
N ASN A 319 -4.01 3.47 -23.13
CA ASN A 319 -4.33 2.20 -23.76
C ASN A 319 -5.71 1.78 -23.28
N VAL A 320 -6.60 1.46 -24.22
CA VAL A 320 -7.99 1.12 -23.87
C VAL A 320 -8.09 -0.34 -23.41
N ALA A 321 -8.03 -0.54 -22.10
CA ALA A 321 -8.07 -1.87 -21.50
C ALA A 321 -9.41 -2.58 -21.69
N LYS A 322 -10.49 -1.80 -21.77
CA LYS A 322 -11.84 -2.34 -21.93
C LYS A 322 -12.81 -1.26 -22.39
N GLY A 323 -13.68 -1.62 -23.32
CA GLY A 323 -14.79 -0.75 -23.70
C GLY A 323 -14.64 0.01 -25.00
N GLN A 324 -15.48 1.02 -25.17
CA GLN A 324 -15.58 1.76 -26.41
C GLN A 324 -16.05 3.18 -26.12
N GLY A 325 -15.47 4.15 -26.81
CA GLY A 325 -15.82 5.54 -26.59
C GLY A 325 -15.00 6.49 -27.43
N TYR A 326 -14.96 7.75 -27.02
CA TYR A 326 -14.15 8.75 -27.70
C TYR A 326 -13.49 9.72 -26.72
N SER A 327 -12.51 10.47 -27.22
CA SER A 327 -11.83 11.48 -26.44
C SER A 327 -11.51 12.69 -27.30
N ILE A 328 -11.53 13.87 -26.69
CA ILE A 328 -11.16 15.11 -27.37
C ILE A 328 -9.87 15.61 -26.75
N VAL A 329 -8.84 15.75 -27.57
CA VAL A 329 -7.56 16.27 -27.11
C VAL A 329 -6.99 17.28 -28.12
N GLY A 330 -6.84 18.53 -27.65
CA GLY A 330 -6.46 19.64 -28.52
C GLY A 330 -7.44 19.87 -29.65
N GLY A 331 -8.74 19.80 -29.34
CA GLY A 331 -9.81 20.01 -30.32
C GLY A 331 -10.09 18.81 -31.22
N LYS A 332 -9.09 17.96 -31.41
CA LYS A 332 -9.19 16.80 -32.29
C LYS A 332 -9.88 15.61 -31.60
N ARG A 333 -10.81 14.99 -32.33
CA ARG A 333 -11.63 13.88 -31.79
C ARG A 333 -11.02 12.52 -32.13
N PHE A 334 -10.89 11.68 -31.10
CA PHE A 334 -10.39 10.31 -31.27
C PHE A 334 -11.42 9.28 -30.82
N ASP A 335 -12.07 8.62 -31.78
CA ASP A 335 -13.03 7.56 -31.49
C ASP A 335 -12.30 6.24 -31.28
N TRP A 336 -12.20 5.79 -30.03
CA TRP A 336 -11.39 4.63 -29.69
C TRP A 336 -12.15 3.37 -29.32
N SER A 337 -11.50 2.22 -29.57
CA SER A 337 -12.03 0.90 -29.23
C SER A 337 -11.02 0.13 -28.36
N GLU A 338 -11.39 -1.08 -27.96
CA GLU A 338 -10.53 -1.92 -27.12
C GLU A 338 -9.13 -2.06 -27.69
N HIS A 339 -8.15 -1.77 -26.84
CA HIS A 339 -6.72 -1.87 -27.15
C HIS A 339 -6.18 -0.83 -28.15
N ASP A 340 -6.94 0.23 -28.39
CA ASP A 340 -6.41 1.40 -29.10
C ASP A 340 -5.42 2.13 -28.20
N ILE A 341 -4.55 2.94 -28.81
CA ILE A 341 -3.58 3.73 -28.05
C ILE A 341 -3.64 5.20 -28.51
N PHE A 342 -3.67 6.12 -27.56
CA PHE A 342 -3.61 7.55 -27.90
C PHE A 342 -2.77 8.43 -26.97
N CYS A 343 -2.24 9.51 -27.56
CA CYS A 343 -1.32 10.43 -26.92
C CYS A 343 -2.09 11.60 -26.35
N VAL A 344 -1.61 12.13 -25.22
CA VAL A 344 -2.02 13.44 -24.75
C VAL A 344 -0.75 14.21 -24.36
N PRO A 345 -0.27 15.10 -25.25
CA PRO A 345 0.90 15.95 -25.00
C PRO A 345 0.71 16.88 -23.79
N ALA A 346 1.82 17.39 -23.27
CA ALA A 346 1.81 18.27 -22.11
C ALA A 346 1.04 19.55 -22.40
N TRP A 347 0.33 20.04 -21.39
CA TRP A 347 -0.42 21.29 -21.46
C TRP A 347 -1.40 21.34 -22.64
N THR A 348 -2.06 20.22 -22.90
CA THR A 348 -3.04 20.11 -23.98
C THR A 348 -4.40 19.70 -23.40
N TRP A 349 -5.42 20.51 -23.68
CA TRP A 349 -6.80 20.22 -23.24
C TRP A 349 -7.20 18.81 -23.63
N HIS A 350 -7.75 18.07 -22.69
CA HIS A 350 -8.24 16.71 -22.96
C HIS A 350 -9.41 16.30 -22.07
N GLU A 351 -10.38 15.64 -22.69
CA GLU A 351 -11.54 15.10 -21.99
C GLU A 351 -11.85 13.70 -22.53
N HIS A 352 -12.64 12.93 -21.79
CA HIS A 352 -12.96 11.55 -22.18
C HIS A 352 -14.45 11.24 -22.13
N CYS A 353 -14.87 10.23 -22.89
CA CYS A 353 -16.28 9.88 -22.99
C CYS A 353 -16.54 8.42 -23.34
N ASN A 354 -17.43 7.79 -22.58
CA ASN A 354 -17.85 6.42 -22.82
C ASN A 354 -19.17 6.39 -23.61
N THR A 355 -19.09 5.95 -24.86
CA THR A 355 -20.25 5.91 -25.75
C THR A 355 -21.18 4.71 -25.51
N GLN A 356 -20.71 3.74 -24.73
CA GLN A 356 -21.50 2.57 -24.38
C GLN A 356 -22.70 2.96 -23.50
N GLU A 357 -23.82 2.29 -23.72
CA GLU A 357 -25.07 2.65 -23.05
C GLU A 357 -25.19 2.03 -21.65
N ARG A 358 -24.80 0.77 -21.52
CA ARG A 358 -24.78 0.10 -20.22
C ARG A 358 -23.56 -0.82 -20.05
N ASP A 359 -22.39 -0.22 -20.24
CA ASP A 359 -21.09 -0.87 -20.02
C ASP A 359 -20.03 0.16 -19.68
N ASP A 360 -19.25 -0.11 -18.64
CA ASP A 360 -18.16 0.78 -18.27
C ASP A 360 -16.99 0.66 -19.25
N ALA A 361 -16.21 1.73 -19.34
CA ALA A 361 -14.99 1.75 -20.14
C ALA A 361 -13.78 1.94 -19.23
N CYS A 362 -12.73 1.19 -19.47
CA CYS A 362 -11.51 1.30 -18.68
C CYS A 362 -10.28 1.66 -19.51
N LEU A 363 -9.64 2.76 -19.14
CA LEU A 363 -8.42 3.20 -19.80
C LEU A 363 -7.21 2.97 -18.89
N PHE A 364 -6.24 2.23 -19.40
CA PHE A 364 -4.92 2.18 -18.80
C PHE A 364 -4.10 3.33 -19.35
N SER A 365 -3.27 3.92 -18.50
CA SER A 365 -2.38 4.99 -18.94
C SER A 365 -1.09 4.94 -18.16
N PHE A 366 0.00 5.34 -18.82
CA PHE A 366 1.27 5.58 -18.12
C PHE A 366 1.79 6.96 -18.50
N ASN A 367 2.72 7.47 -17.71
CA ASN A 367 3.10 8.88 -17.80
C ASN A 367 4.47 9.19 -17.22
N ASP A 368 4.85 10.46 -17.33
CA ASP A 368 6.06 10.99 -16.72
C ASP A 368 5.71 11.89 -15.53
N PHE A 369 4.67 11.53 -14.80
CA PHE A 369 4.20 12.33 -13.68
C PHE A 369 5.21 12.43 -12.52
N PRO A 370 5.86 11.32 -12.16
CA PRO A 370 6.82 11.38 -11.04
C PRO A 370 7.95 12.38 -11.28
N VAL A 371 8.45 12.47 -12.50
CA VAL A 371 9.49 13.44 -12.83
C VAL A 371 8.98 14.88 -12.71
N MET A 372 7.72 15.11 -13.07
CA MET A 372 7.09 16.41 -12.89
C MET A 372 6.96 16.75 -11.40
N GLU A 373 6.40 15.81 -10.64
CA GLU A 373 6.12 16.02 -9.21
C GLU A 373 7.39 16.20 -8.38
N LYS A 374 8.41 15.39 -8.65
CA LYS A 374 9.67 15.45 -7.91
C LYS A 374 10.46 16.73 -8.19
N LEU A 375 10.36 17.23 -9.42
CA LEU A 375 11.08 18.45 -9.80
C LEU A 375 10.22 19.72 -9.64
N GLY A 376 9.04 19.56 -9.05
CA GLY A 376 8.15 20.68 -8.74
C GLY A 376 7.58 21.39 -9.95
N PHE A 377 7.39 20.63 -11.03
CA PHE A 377 6.89 21.20 -12.27
C PHE A 377 5.43 20.86 -12.54
N TRP A 378 4.78 20.21 -11.58
CA TRP A 378 3.38 19.82 -11.76
C TRP A 378 2.42 21.01 -11.69
N ALA A 379 1.70 21.22 -12.78
CA ALA A 379 0.69 22.26 -12.85
C ALA A 379 -0.57 21.72 -13.53
N GLU A 380 -1.74 22.11 -13.02
CA GLU A 380 -3.00 21.65 -13.58
C GLU A 380 -4.00 22.81 -13.67
N GLN A 381 -4.84 22.78 -14.71
CA GLN A 381 -5.83 23.83 -14.94
C GLN A 381 -7.07 23.27 -15.61
N ALA A 382 -8.24 23.62 -15.07
CA ALA A 382 -9.52 23.23 -15.64
C ALA A 382 -9.91 24.16 -16.80
N LEU A 383 -10.78 23.67 -17.68
CA LEU A 383 -11.35 24.48 -18.75
C LEU A 383 -12.58 25.20 -18.21
N GLU A 384 -12.61 26.53 -18.35
CA GLU A 384 -13.74 27.33 -17.89
C GLU A 384 -14.77 27.58 -18.99
N ASP A 385 -14.30 27.71 -20.23
CA ASP A 385 -15.17 27.89 -21.40
C ASP A 385 -16.17 26.74 -21.55
N ASN A 386 -17.32 27.02 -22.15
CA ASN A 386 -18.46 26.08 -22.21
C ASN A 386 -18.89 25.63 -20.81
N GLY A 387 -19.31 24.37 -20.69
CA GLY A 387 -19.52 23.75 -19.39
C GLY A 387 -18.26 23.01 -18.94
N GLY A 388 -17.13 23.39 -19.53
CA GLY A 388 -15.87 22.71 -19.32
C GLY A 388 -15.58 21.68 -20.41
N HIS A 389 -16.01 21.99 -21.63
CA HIS A 389 -15.86 21.07 -22.77
C HIS A 389 -15.31 21.80 -24.00
N GLN A 390 -14.40 21.14 -24.70
CA GLN A 390 -13.78 21.69 -25.91
C GLN A 390 -14.77 21.71 -27.07
N ILE A 391 -14.58 22.66 -27.99
CA ILE A 391 -15.31 22.68 -29.24
C ILE A 391 -14.58 21.77 -30.24
N VAL A 392 -15.32 20.82 -30.79
CA VAL A 392 -14.78 19.92 -31.83
C VAL A 392 -15.02 20.53 -33.20
N ALA A 393 -13.96 20.63 -34.00
CA ALA A 393 -14.05 21.16 -35.35
C ALA A 393 -13.99 20.05 -36.40
N ARG B 37 24.70 -5.19 57.86
CA ARG B 37 26.05 -5.79 58.08
C ARG B 37 27.08 -4.73 58.50
N VAL B 38 27.31 -3.72 57.66
CA VAL B 38 28.20 -2.62 57.97
C VAL B 38 27.52 -1.29 57.59
N ARG B 39 27.28 -0.44 58.58
CA ARG B 39 26.72 0.89 58.34
C ARG B 39 27.82 1.86 57.95
N ASP B 40 27.58 2.64 56.91
CA ASP B 40 28.55 3.64 56.48
C ASP B 40 28.58 4.84 57.43
N THR B 41 29.70 5.55 57.41
CA THR B 41 30.01 6.62 58.36
C THR B 41 28.90 7.65 58.55
N PRO B 42 28.78 8.20 59.78
CA PRO B 42 27.88 9.33 60.06
C PRO B 42 28.16 10.54 59.17
N GLU B 43 29.38 10.65 58.65
CA GLU B 43 29.74 11.70 57.71
C GLU B 43 29.00 11.52 56.39
N LEU B 44 28.99 10.29 55.87
CA LEU B 44 28.24 9.95 54.66
C LEU B 44 26.75 10.15 54.81
N GLU B 45 26.20 9.76 55.96
CA GLU B 45 24.77 9.87 56.24
C GLU B 45 24.31 11.31 56.39
N ALA B 46 25.17 12.15 56.96
CA ALA B 46 24.92 13.59 57.01
C ALA B 46 24.89 14.16 55.59
N TYR B 47 25.79 13.66 54.74
CA TYR B 47 25.87 14.06 53.34
C TYR B 47 24.61 13.67 52.56
N TYR B 48 24.12 12.43 52.76
CA TYR B 48 22.89 11.98 52.09
C TYR B 48 21.69 12.84 52.46
N ASP B 49 21.56 13.18 53.74
CA ASP B 49 20.48 14.04 54.21
C ASP B 49 20.60 15.45 53.65
N ASP B 50 21.84 15.94 53.56
CA ASP B 50 22.12 17.24 52.93
C ASP B 50 21.72 17.24 51.45
N LEU B 51 21.91 16.11 50.77
CA LEU B 51 21.50 15.95 49.38
C LEU B 51 19.98 15.92 49.21
N ALA B 52 19.29 15.36 50.20
CA ALA B 52 17.83 15.28 50.19
C ALA B 52 17.20 16.65 50.39
N LYS B 53 17.85 17.51 51.15
CA LYS B 53 17.40 18.88 51.39
C LYS B 53 17.24 19.71 50.10
N ILE B 54 18.09 19.43 49.12
CA ILE B 54 18.03 20.10 47.81
C ILE B 54 17.40 19.21 46.74
N GLU B 55 16.71 18.15 47.19
CA GLU B 55 15.99 17.21 46.31
C GLU B 55 16.90 16.47 45.32
N THR B 56 17.98 15.90 45.86
CA THR B 56 18.89 15.07 45.09
C THR B 56 19.27 13.83 45.90
N GLY B 57 20.09 12.97 45.31
CA GLY B 57 20.61 11.79 46.00
C GLY B 57 21.92 11.33 45.41
N ALA B 58 22.59 10.43 46.12
CA ALA B 58 23.82 9.81 45.64
C ALA B 58 23.46 8.59 44.78
N LEU B 59 23.97 8.55 43.56
CA LEU B 59 23.63 7.49 42.60
C LEU B 59 24.06 6.09 43.07
N TRP B 60 25.13 6.03 43.86
CA TRP B 60 25.61 4.75 44.41
C TRP B 60 24.72 4.20 45.53
N THR B 61 23.67 4.94 45.89
CA THR B 61 22.71 4.52 46.92
C THR B 61 21.55 3.72 46.30
N VAL B 62 21.50 3.69 44.97
CA VAL B 62 20.51 2.90 44.24
C VAL B 62 21.19 2.02 43.18
N ALA B 63 21.02 0.69 43.21
CA ALA B 63 20.19 -0.08 44.16
C ALA B 63 18.67 0.09 44.00
N ASN B 64 18.10 -0.60 43.02
CA ASN B 64 18.87 -1.45 42.09
C ASN B 64 18.67 -1.04 40.63
N ASP B 65 19.62 -1.46 39.78
CA ASP B 65 19.58 -1.14 38.36
C ASP B 65 18.57 -1.98 37.57
N ILE B 66 17.68 -2.67 38.30
CA ILE B 66 16.69 -3.62 37.75
C ILE B 66 17.21 -4.52 36.61
N GLU B 67 18.53 -4.74 36.60
CA GLU B 67 19.26 -5.40 35.51
C GLU B 67 19.20 -4.59 34.21
N PRO B 68 20.23 -3.78 33.94
CA PRO B 68 20.23 -2.95 32.75
C PRO B 68 20.67 -3.70 31.49
N TRP B 69 21.13 -4.94 31.67
CA TRP B 69 21.70 -5.75 30.59
C TRP B 69 20.69 -6.09 29.49
N GLU B 70 19.48 -6.48 29.91
CA GLU B 70 18.39 -6.81 29.00
C GLU B 70 17.03 -6.56 29.69
N PRO B 71 15.97 -6.28 28.89
CA PRO B 71 14.66 -5.92 29.43
C PRO B 71 14.08 -6.96 30.37
N THR B 72 13.31 -6.50 31.35
CA THR B 72 12.58 -7.36 32.26
C THR B 72 11.09 -7.21 31.98
N PRO B 73 10.42 -8.30 31.56
CA PRO B 73 8.97 -8.25 31.35
C PRO B 73 8.26 -7.83 32.63
N LYS B 74 7.36 -6.85 32.50
CA LYS B 74 6.59 -6.37 33.64
C LYS B 74 5.21 -7.00 33.61
N SER B 75 4.81 -7.47 32.43
CA SER B 75 3.56 -8.20 32.25
C SER B 75 3.80 -9.69 32.33
N ALA B 76 2.76 -10.43 32.72
CA ALA B 76 2.79 -11.89 32.68
C ALA B 76 2.05 -12.38 31.45
N PRO B 77 2.50 -13.50 30.84
CA PRO B 77 1.69 -14.09 29.76
C PRO B 77 0.36 -14.62 30.30
N VAL B 78 -0.74 -14.30 29.63
CA VAL B 78 -2.07 -14.69 30.08
C VAL B 78 -2.91 -15.22 28.93
N HIS B 79 -3.69 -16.27 29.20
CA HIS B 79 -4.63 -16.82 28.22
C HIS B 79 -6.07 -16.48 28.63
N TRP B 80 -6.93 -16.25 27.63
CA TRP B 80 -8.35 -15.95 27.86
C TRP B 80 -9.23 -16.79 26.96
N LYS B 81 -9.79 -17.86 27.51
CA LYS B 81 -10.63 -18.78 26.75
C LYS B 81 -11.94 -18.11 26.34
N TRP B 82 -12.25 -18.20 25.04
CA TRP B 82 -13.47 -17.66 24.47
C TRP B 82 -14.74 -18.19 25.15
N SER B 83 -14.71 -19.47 25.52
CA SER B 83 -15.77 -20.10 26.29
C SER B 83 -16.15 -19.25 27.51
N ASP B 84 -15.15 -18.98 28.35
CA ASP B 84 -15.33 -18.17 29.55
C ASP B 84 -15.63 -16.72 29.19
N LEU B 85 -14.87 -16.19 28.25
CA LEU B 85 -14.95 -14.80 27.84
C LEU B 85 -16.36 -14.42 27.37
N ARG B 86 -16.83 -15.08 26.31
CA ARG B 86 -18.17 -14.85 25.78
C ARG B 86 -19.24 -14.98 26.85
N ARG B 87 -19.16 -16.06 27.63
CA ARG B 87 -20.13 -16.37 28.69
C ARG B 87 -20.21 -15.29 29.76
N GLU B 88 -19.06 -14.74 30.15
CA GLU B 88 -19.02 -13.70 31.19
C GLU B 88 -19.41 -12.33 30.67
N VAL B 89 -19.21 -12.08 29.37
CA VAL B 89 -19.53 -10.79 28.76
C VAL B 89 -21.05 -10.59 28.61
N LEU B 90 -21.76 -11.65 28.23
CA LEU B 90 -23.21 -11.60 28.09
C LEU B 90 -23.90 -11.39 29.44
N ARG B 91 -23.33 -11.99 30.49
CA ARG B 91 -23.85 -11.87 31.85
C ARG B 91 -23.95 -10.44 32.34
N ALA B 92 -23.08 -9.58 31.81
CA ALA B 92 -23.00 -8.17 32.21
C ALA B 92 -24.24 -7.36 31.86
N ILE B 93 -24.97 -7.78 30.83
CA ILE B 93 -26.17 -7.07 30.36
C ILE B 93 -27.19 -6.83 31.48
N ASP B 94 -27.55 -7.91 32.18
CA ASP B 94 -28.58 -7.88 33.21
C ASP B 94 -28.08 -7.41 34.58
N LEU B 95 -26.77 -7.40 34.77
CA LEU B 95 -26.17 -7.06 36.07
C LEU B 95 -25.80 -5.58 36.20
N VAL B 96 -25.57 -4.91 35.07
CA VAL B 96 -25.14 -3.52 35.07
C VAL B 96 -26.27 -2.55 35.49
N ARG B 97 -25.91 -1.56 36.31
CA ARG B 97 -26.87 -0.56 36.83
C ARG B 97 -27.35 0.44 35.75
N PRO B 98 -28.28 1.36 36.11
CA PRO B 98 -28.65 2.47 35.20
C PRO B 98 -27.43 3.26 34.71
N GLU B 99 -26.57 3.67 35.65
CA GLU B 99 -25.27 4.22 35.30
C GLU B 99 -24.35 3.05 34.95
N ASP B 100 -23.18 3.35 34.37
CA ASP B 100 -22.21 2.31 33.99
C ASP B 100 -22.60 1.57 32.71
N ALA B 101 -23.70 1.98 32.08
CA ALA B 101 -24.16 1.39 30.82
C ALA B 101 -23.21 1.73 29.67
N GLY B 102 -22.61 2.91 29.72
CA GLY B 102 -21.60 3.32 28.74
C GLY B 102 -20.25 2.67 28.96
N ARG B 103 -20.01 2.23 30.21
CA ARG B 103 -18.77 1.56 30.58
C ARG B 103 -18.91 0.05 30.64
N ARG B 104 -19.95 -0.49 30.01
CA ARG B 104 -20.24 -1.93 30.10
C ARG B 104 -19.32 -2.76 29.22
N VAL B 105 -18.11 -2.99 29.73
CA VAL B 105 -17.09 -3.74 29.02
C VAL B 105 -16.18 -4.50 29.98
N VAL B 106 -15.94 -5.77 29.66
CA VAL B 106 -15.04 -6.63 30.43
C VAL B 106 -13.62 -6.47 29.87
N TYR B 107 -12.76 -5.83 30.66
CA TYR B 107 -11.38 -5.61 30.23
C TYR B 107 -10.46 -6.74 30.67
N LEU B 108 -9.52 -7.07 29.79
CA LEU B 108 -8.52 -8.10 30.08
C LEU B 108 -7.47 -7.50 31.02
N ARG B 109 -7.36 -8.08 32.20
CA ARG B 109 -6.52 -7.54 33.27
C ARG B 109 -5.30 -8.42 33.55
N ASN B 110 -4.13 -7.94 33.14
CA ASN B 110 -2.89 -8.64 33.42
C ASN B 110 -2.62 -8.59 34.91
N PRO B 111 -2.47 -9.77 35.56
CA PRO B 111 -2.32 -9.88 37.02
C PRO B 111 -1.15 -9.10 37.60
N GLN B 112 -0.16 -8.80 36.77
CA GLN B 112 1.01 -8.04 37.19
C GLN B 112 0.97 -6.61 36.64
N ARG B 113 -0.22 -6.19 36.20
CA ARG B 113 -0.38 -4.89 35.57
C ARG B 113 -1.72 -4.25 35.98
N LYS B 114 -2.22 -4.64 37.15
CA LYS B 114 -3.53 -4.19 37.66
C LYS B 114 -3.55 -2.69 37.91
N ASP B 115 -2.44 -2.16 38.40
CA ASP B 115 -2.29 -0.75 38.75
C ASP B 115 -2.62 0.23 37.61
N VAL B 116 -2.34 -0.18 36.37
CA VAL B 116 -2.60 0.66 35.20
C VAL B 116 -3.66 0.08 34.26
N SER B 117 -4.22 -1.07 34.66
CA SER B 117 -5.29 -1.75 33.91
C SER B 117 -4.94 -2.11 32.47
N ALA B 118 -3.75 -2.65 32.28
CA ALA B 118 -3.28 -3.08 30.96
C ALA B 118 -3.49 -4.58 30.77
N ALA B 119 -3.65 -4.99 29.51
CA ALA B 119 -3.75 -6.40 29.17
C ALA B 119 -2.36 -6.97 28.99
N CYS B 120 -1.45 -6.14 28.49
CA CYS B 120 -0.07 -6.52 28.21
C CYS B 120 0.73 -5.25 27.93
N GLY B 121 1.79 -5.04 28.70
CA GLY B 121 2.64 -3.87 28.56
C GLY B 121 1.89 -2.59 28.82
N TRP B 122 1.81 -1.74 27.78
CA TRP B 122 1.07 -0.50 27.85
C TRP B 122 -0.13 -0.51 26.91
N LEU B 123 -0.71 -1.69 26.72
CA LEU B 123 -1.86 -1.89 25.87
C LEU B 123 -3.10 -2.27 26.68
N PHE B 124 -4.21 -1.65 26.33
CA PHE B 124 -5.51 -1.94 26.93
C PHE B 124 -6.29 -2.84 26.00
N SER B 125 -7.10 -3.73 26.57
CA SER B 125 -8.01 -4.56 25.78
C SER B 125 -9.30 -4.89 26.53
N GLY B 126 -10.43 -4.74 25.83
CA GLY B 126 -11.74 -4.99 26.42
C GLY B 126 -12.66 -5.75 25.50
N ILE B 127 -13.71 -6.34 26.08
CA ILE B 127 -14.74 -7.06 25.32
C ILE B 127 -16.11 -6.42 25.52
N GLN B 128 -16.75 -6.03 24.42
CA GLN B 128 -18.08 -5.39 24.46
C GLN B 128 -19.15 -6.20 23.74
N THR B 129 -20.40 -5.91 24.08
CA THR B 129 -21.55 -6.51 23.41
C THR B 129 -22.58 -5.44 23.07
N MET B 130 -23.08 -5.50 21.85
CA MET B 130 -24.23 -4.70 21.44
C MET B 130 -25.21 -5.54 20.64
N LYS B 131 -26.47 -5.13 20.66
CA LYS B 131 -27.54 -5.82 19.95
C LYS B 131 -27.98 -5.03 18.72
N ALA B 132 -28.76 -5.67 17.85
CA ALA B 132 -29.18 -5.10 16.56
C ALA B 132 -29.56 -3.60 16.59
N GLY B 133 -30.32 -3.20 17.60
CA GLY B 133 -30.78 -1.81 17.70
C GLY B 133 -29.78 -0.82 18.27
N GLU B 134 -29.07 -1.24 19.32
CA GLU B 134 -28.21 -0.36 20.12
C GLU B 134 -27.21 0.48 19.32
N ARG B 135 -26.96 1.69 19.82
CA ARG B 135 -25.89 2.56 19.32
C ARG B 135 -25.39 3.51 20.41
N ALA B 136 -24.10 3.85 20.35
CA ALA B 136 -23.48 4.72 21.36
C ALA B 136 -23.18 6.11 20.81
N GLY B 137 -22.95 7.06 21.72
CA GLY B 137 -22.59 8.42 21.36
C GLY B 137 -21.14 8.52 20.90
N ALA B 138 -20.79 9.65 20.27
CA ALA B 138 -19.45 9.86 19.74
C ALA B 138 -18.55 10.65 20.69
N HIS B 139 -17.31 10.19 20.83
CA HIS B 139 -16.30 10.90 21.62
C HIS B 139 -14.96 10.94 20.88
N ARG B 140 -14.05 11.75 21.40
CA ARG B 140 -12.73 11.91 20.80
C ARG B 140 -11.69 11.86 21.92
N HIS B 141 -10.64 11.06 21.72
CA HIS B 141 -9.55 10.96 22.69
C HIS B 141 -8.18 10.76 22.05
N ALA B 142 -7.15 11.14 22.79
CA ALA B 142 -5.75 11.05 22.33
C ALA B 142 -5.29 9.61 22.09
N ALA B 143 -5.79 8.68 22.90
CA ALA B 143 -5.51 7.26 22.72
C ALA B 143 -6.02 6.78 21.37
N SER B 144 -5.32 5.80 20.81
CA SER B 144 -5.71 5.17 19.56
C SER B 144 -6.38 3.83 19.86
N ALA B 145 -7.33 3.43 19.02
CA ALA B 145 -8.09 2.21 19.25
C ALA B 145 -8.28 1.33 18.03
N LEU B 146 -8.35 0.03 18.29
CA LEU B 146 -8.73 -0.98 17.31
C LEU B 146 -10.00 -1.67 17.78
N ARG B 147 -10.88 -1.99 16.84
CA ARG B 147 -12.10 -2.70 17.16
C ARG B 147 -12.21 -3.93 16.28
N PHE B 148 -11.83 -5.08 16.84
CA PHE B 148 -11.82 -6.36 16.11
C PHE B 148 -13.07 -7.17 16.43
N ILE B 149 -13.87 -7.43 15.39
CA ILE B 149 -15.13 -8.17 15.55
C ILE B 149 -14.86 -9.66 15.73
N MET B 150 -15.39 -10.23 16.82
CA MET B 150 -15.19 -11.65 17.13
C MET B 150 -16.42 -12.49 16.80
N GLU B 151 -17.60 -11.94 17.09
CA GLU B 151 -18.86 -12.62 16.78
C GLU B 151 -19.91 -11.61 16.34
N GLY B 152 -20.69 -12.00 15.32
CA GLY B 152 -21.79 -11.18 14.85
C GLY B 152 -21.66 -10.65 13.43
N SER B 153 -22.66 -9.88 13.03
CA SER B 153 -22.77 -9.38 11.67
C SER B 153 -23.44 -8.02 11.66
N GLY B 154 -22.98 -7.14 10.78
CA GLY B 154 -23.58 -5.82 10.62
C GLY B 154 -23.24 -4.80 11.69
N ALA B 155 -22.01 -4.87 12.21
CA ALA B 155 -21.50 -3.85 13.13
C ALA B 155 -21.03 -2.65 12.32
N TYR B 156 -21.11 -1.46 12.92
CA TYR B 156 -20.65 -0.25 12.23
C TYR B 156 -19.95 0.75 13.14
N THR B 157 -19.09 1.57 12.54
CA THR B 157 -18.40 2.66 13.23
C THR B 157 -18.36 3.89 12.30
N ILE B 158 -18.55 5.07 12.88
CA ILE B 158 -18.33 6.32 12.14
C ILE B 158 -17.04 6.98 12.64
N VAL B 159 -16.11 7.21 11.71
CA VAL B 159 -14.85 7.89 12.03
C VAL B 159 -14.75 9.18 11.21
N ASP B 160 -14.82 10.32 11.89
CA ASP B 160 -14.87 11.65 11.25
C ASP B 160 -15.80 11.72 10.02
N GLY B 161 -16.98 11.12 10.15
CA GLY B 161 -17.95 11.11 9.07
C GLY B 161 -17.92 9.85 8.21
N HIS B 162 -16.84 9.08 8.31
CA HIS B 162 -16.69 7.88 7.49
C HIS B 162 -17.36 6.69 8.17
N LYS B 163 -18.42 6.20 7.54
CA LYS B 163 -19.19 5.08 8.05
C LYS B 163 -18.66 3.79 7.44
N VAL B 164 -18.35 2.81 8.29
CA VAL B 164 -17.85 1.52 7.84
C VAL B 164 -18.67 0.37 8.42
N GLU B 165 -18.86 -0.68 7.63
CA GLU B 165 -19.59 -1.88 8.07
C GLU B 165 -18.60 -3.02 8.32
N LEU B 166 -18.86 -3.79 9.38
CA LEU B 166 -17.94 -4.84 9.83
C LEU B 166 -18.62 -6.20 10.04
N GLY B 167 -17.89 -7.26 9.70
CA GLY B 167 -18.30 -8.63 10.00
C GLY B 167 -17.23 -9.31 10.86
N ALA B 168 -17.43 -10.59 11.14
CA ALA B 168 -16.47 -11.37 11.94
C ALA B 168 -15.07 -11.39 11.32
N ASN B 169 -14.07 -11.11 12.16
CA ASN B 169 -12.64 -11.05 11.78
C ASN B 169 -12.18 -9.79 11.04
N ASP B 170 -13.13 -8.93 10.67
CA ASP B 170 -12.82 -7.59 10.19
C ASP B 170 -12.47 -6.72 11.40
N PHE B 171 -11.70 -5.66 11.17
CA PHE B 171 -11.49 -4.66 12.22
C PHE B 171 -11.46 -3.23 11.68
N VAL B 172 -11.67 -2.27 12.59
CA VAL B 172 -11.55 -0.85 12.25
C VAL B 172 -10.55 -0.11 13.12
N LEU B 173 -10.10 1.02 12.62
CA LEU B 173 -9.24 1.93 13.36
C LEU B 173 -10.06 3.12 13.84
N THR B 174 -9.84 3.52 15.08
CA THR B 174 -10.32 4.82 15.56
C THR B 174 -9.11 5.57 16.12
N PRO B 175 -8.31 6.18 15.22
CA PRO B 175 -7.02 6.78 15.55
C PRO B 175 -7.10 8.00 16.47
N ASN B 176 -5.94 8.41 16.97
CA ASN B 176 -5.76 9.61 17.78
C ASN B 176 -6.71 10.76 17.41
N GLY B 177 -7.44 11.25 18.41
CA GLY B 177 -8.22 12.49 18.30
C GLY B 177 -9.33 12.53 17.25
N THR B 178 -9.79 11.36 16.83
CA THR B 178 -10.82 11.28 15.80
C THR B 178 -12.21 11.08 16.43
N TRP B 179 -13.23 11.70 15.84
CA TRP B 179 -14.61 11.50 16.29
C TRP B 179 -15.07 10.09 15.94
N HIS B 180 -15.39 9.29 16.95
CA HIS B 180 -15.82 7.91 16.71
C HIS B 180 -16.98 7.43 17.57
N GLU B 181 -17.93 6.76 16.92
CA GLU B 181 -19.06 6.12 17.59
C GLU B 181 -19.26 4.71 17.05
N HIS B 182 -19.77 3.83 17.91
CA HIS B 182 -19.98 2.44 17.53
C HIS B 182 -21.45 2.09 17.62
N GLY B 183 -21.84 1.03 16.91
CA GLY B 183 -23.23 0.55 16.92
C GLY B 183 -23.42 -0.64 16.00
N ILE B 184 -24.64 -1.17 16.00
CA ILE B 184 -25.00 -2.29 15.13
C ILE B 184 -26.10 -1.86 14.18
N LEU B 185 -25.93 -2.15 12.89
CA LEU B 185 -26.94 -1.87 11.88
C LEU B 185 -28.23 -2.64 12.18
N GLU B 186 -29.33 -2.12 11.66
CA GLU B 186 -30.67 -2.66 11.88
C GLU B 186 -30.78 -4.13 11.44
N SER B 187 -30.15 -4.45 10.31
CA SER B 187 -30.21 -5.78 9.72
C SER B 187 -29.23 -6.77 10.34
N GLY B 188 -28.38 -6.28 11.26
CA GLY B 188 -27.37 -7.10 11.89
C GLY B 188 -27.88 -7.99 13.01
N THR B 189 -26.94 -8.73 13.63
CA THR B 189 -27.24 -9.59 14.77
C THR B 189 -26.56 -9.05 16.03
N GLU B 190 -26.68 -9.79 17.14
CA GLU B 190 -25.96 -9.46 18.37
C GLU B 190 -24.46 -9.61 18.10
N CYS B 191 -23.69 -8.61 18.51
CA CYS B 191 -22.25 -8.60 18.25
C CYS B 191 -21.40 -8.65 19.50
N ILE B 192 -20.25 -9.31 19.39
CA ILE B 192 -19.21 -9.29 20.42
C ILE B 192 -17.89 -8.93 19.74
N TRP B 193 -17.22 -7.90 20.25
CA TRP B 193 -15.95 -7.47 19.68
C TRP B 193 -14.88 -7.17 20.73
N GLN B 194 -13.63 -7.16 20.29
CA GLN B 194 -12.52 -6.83 21.16
C GLN B 194 -11.99 -5.45 20.81
N ASP B 195 -11.89 -4.60 21.83
CA ASP B 195 -11.27 -3.30 21.69
C ASP B 195 -9.78 -3.37 22.03
N GLY B 196 -8.96 -2.68 21.25
CA GLY B 196 -7.53 -2.58 21.51
C GLY B 196 -7.13 -1.12 21.62
N LEU B 197 -6.57 -0.73 22.75
CA LEU B 197 -6.27 0.66 23.03
C LEU B 197 -4.89 0.86 23.63
N ASP B 198 -4.25 1.99 23.32
CA ASP B 198 -2.96 2.34 23.90
C ASP B 198 -3.13 3.27 25.11
N ILE B 199 -4.27 3.12 25.79
CA ILE B 199 -4.63 3.92 26.96
C ILE B 199 -3.53 3.98 28.04
N PRO B 200 -2.99 2.81 28.47
CA PRO B 200 -1.97 2.87 29.51
C PRO B 200 -0.74 3.66 29.08
N LEU B 201 -0.35 3.51 27.82
CA LEU B 201 0.79 4.24 27.26
C LEU B 201 0.56 5.75 27.31
N THR B 202 -0.63 6.17 26.89
CA THR B 202 -0.97 7.58 26.80
C THR B 202 -1.02 8.25 28.18
N ASN B 203 -1.60 7.56 29.17
CA ASN B 203 -1.60 8.02 30.56
C ASN B 203 -0.17 8.08 31.11
N CYS B 204 0.56 7.00 30.88
CA CYS B 204 1.95 6.85 31.30
C CYS B 204 2.83 8.00 30.79
N LEU B 205 2.65 8.35 29.52
CA LEU B 205 3.39 9.44 28.89
C LEU B 205 2.77 10.81 29.18
N GLU B 206 1.70 10.81 29.98
CA GLU B 206 0.97 12.03 30.37
C GLU B 206 0.57 12.88 29.16
N ALA B 207 -0.33 12.32 28.35
CA ALA B 207 -0.74 12.96 27.10
C ALA B 207 -2.18 12.64 26.68
N ASN B 208 -2.98 12.08 27.58
CA ASN B 208 -4.34 11.68 27.23
C ASN B 208 -5.36 12.81 27.35
N PHE B 209 -6.18 12.96 26.30
CA PHE B 209 -7.25 13.94 26.26
C PHE B 209 -8.57 13.21 26.00
N TYR B 210 -9.67 13.86 26.35
CA TYR B 210 -11.01 13.29 26.16
C TYR B 210 -12.06 14.40 26.04
N GLU B 211 -12.95 14.26 25.08
CA GLU B 211 -14.16 15.10 25.00
C GLU B 211 -15.27 14.42 24.23
N VAL B 212 -16.50 14.57 24.74
CA VAL B 212 -17.69 14.08 24.05
C VAL B 212 -18.08 15.02 22.92
N HIS B 213 -18.78 14.48 21.91
CA HIS B 213 -19.27 15.29 20.80
C HIS B 213 -20.37 16.22 21.29
N PRO B 214 -20.28 17.53 20.95
CA PRO B 214 -21.27 18.53 21.36
C PRO B 214 -22.71 18.21 20.91
N ASN B 215 -22.84 17.50 19.79
CA ASN B 215 -24.14 17.09 19.29
C ASN B 215 -24.50 15.64 19.59
N ASP B 216 -23.75 15.02 20.52
CA ASP B 216 -23.96 13.61 20.94
C ASP B 216 -23.54 12.63 19.84
N TYR B 217 -24.08 12.82 18.63
CA TYR B 217 -23.78 11.98 17.47
C TYR B 217 -23.21 12.82 16.33
N GLN B 218 -22.68 12.15 15.31
CA GLN B 218 -22.11 12.83 14.14
C GLN B 218 -23.12 12.90 13.00
N THR B 219 -23.08 13.99 12.25
CA THR B 219 -23.91 14.12 11.06
C THR B 219 -23.04 13.95 9.81
N THR B 220 -23.33 12.89 9.05
CA THR B 220 -22.56 12.60 7.85
C THR B 220 -23.45 12.09 6.71
N ASP B 221 -23.17 12.59 5.51
CA ASP B 221 -23.88 12.17 4.30
C ASP B 221 -22.95 11.37 3.36
N ILE B 222 -21.70 11.22 3.78
CA ILE B 222 -20.69 10.45 3.05
C ILE B 222 -21.19 9.02 2.82
N PRO B 223 -21.08 8.51 1.58
CA PRO B 223 -21.58 7.16 1.26
C PRO B 223 -20.96 6.09 2.15
N LEU B 224 -21.73 5.04 2.42
CA LEU B 224 -21.28 3.95 3.29
C LEU B 224 -20.02 3.27 2.76
N ASN B 225 -19.15 2.86 3.69
CA ASN B 225 -17.92 2.14 3.38
C ASN B 225 -16.98 2.87 2.42
N ASP B 226 -17.09 4.19 2.36
CA ASP B 226 -16.33 4.98 1.40
C ASP B 226 -14.82 4.72 1.50
N SER B 227 -14.32 4.62 2.72
CA SER B 227 -12.90 4.41 3.01
C SER B 227 -12.33 3.09 2.45
N PRO B 228 -12.85 1.93 2.89
CA PRO B 228 -12.35 0.65 2.33
C PRO B 228 -12.60 0.47 0.83
N LEU B 229 -13.59 1.17 0.29
CA LEU B 229 -13.91 1.07 -1.13
C LEU B 229 -13.01 1.97 -1.99
N THR B 230 -12.52 3.07 -1.41
CA THR B 230 -11.59 3.96 -2.13
C THR B 230 -10.11 3.66 -1.86
N TYR B 231 -9.81 3.10 -0.68
CA TYR B 231 -8.42 2.87 -0.27
C TYR B 231 -8.05 1.40 -0.07
N GLY B 232 -9.01 0.50 -0.27
CA GLY B 232 -8.80 -0.93 -0.05
C GLY B 232 -8.31 -1.71 -1.26
N GLY B 233 -7.98 -0.99 -2.33
CA GLY B 233 -7.51 -1.62 -3.56
C GLY B 233 -6.07 -2.08 -3.48
N PRO B 234 -5.75 -3.23 -4.11
CA PRO B 234 -4.38 -3.74 -4.11
C PRO B 234 -3.41 -2.85 -4.89
N ALA B 235 -2.57 -2.13 -4.14
CA ALA B 235 -1.55 -1.22 -4.69
C ALA B 235 -2.14 -0.10 -5.56
N LEU B 236 -3.22 0.51 -5.07
CA LEU B 236 -3.96 1.53 -5.81
C LEU B 236 -4.39 2.66 -4.88
N LEU B 237 -4.21 3.90 -5.34
CA LEU B 237 -4.69 5.07 -4.61
C LEU B 237 -5.42 6.01 -5.56
N PRO B 238 -6.42 6.76 -5.07
CA PRO B 238 -7.06 7.78 -5.90
C PRO B 238 -6.03 8.75 -6.45
N GLN B 239 -6.09 9.03 -7.75
CA GLN B 239 -5.12 9.91 -8.42
C GLN B 239 -4.93 11.22 -7.67
N LEU B 240 -6.04 11.83 -7.25
CA LEU B 240 -6.00 13.00 -6.39
C LEU B 240 -6.31 12.57 -4.96
N ASP B 241 -5.26 12.37 -4.17
CA ASP B 241 -5.39 11.97 -2.78
C ASP B 241 -5.42 13.20 -1.89
N LYS B 242 -6.51 13.37 -1.14
CA LYS B 242 -6.76 14.57 -0.36
C LYS B 242 -6.63 14.32 1.15
N TRP B 243 -6.24 13.09 1.50
CA TRP B 243 -6.01 12.68 2.88
C TRP B 243 -4.71 13.27 3.43
N ASP B 244 -4.80 13.96 4.57
CA ASP B 244 -3.65 14.66 5.13
C ASP B 244 -3.39 14.32 6.61
N LYS B 245 -3.73 13.09 6.99
CA LYS B 245 -3.56 12.62 8.36
C LYS B 245 -2.37 11.65 8.48
N PRO B 246 -1.64 11.71 9.61
CA PRO B 246 -0.45 10.86 9.82
C PRO B 246 -0.79 9.37 9.91
N TYR B 247 -2.07 9.07 10.13
CA TYR B 247 -2.58 7.71 10.22
C TYR B 247 -3.32 7.32 8.93
N SER B 248 -3.61 6.03 8.80
CA SER B 248 -4.17 5.45 7.58
C SER B 248 -5.48 6.09 7.10
N PRO B 249 -5.60 6.32 5.77
CA PRO B 249 -6.89 6.68 5.15
C PRO B 249 -7.84 5.48 5.05
N LEU B 250 -7.28 4.27 5.04
CA LEU B 250 -8.05 3.03 5.05
C LEU B 250 -8.31 2.65 6.50
N LEU B 251 -9.59 2.66 6.89
CA LEU B 251 -9.96 2.49 8.29
C LEU B 251 -10.53 1.11 8.61
N LYS B 252 -11.03 0.42 7.59
CA LYS B 252 -11.53 -0.95 7.73
C LYS B 252 -10.59 -1.93 7.05
N TYR B 253 -10.18 -2.97 7.78
CA TYR B 253 -9.37 -4.03 7.20
C TYR B 253 -10.16 -5.33 7.22
N SER B 254 -10.39 -5.86 6.02
CA SER B 254 -11.34 -6.95 5.84
C SER B 254 -10.69 -8.33 5.94
N TRP B 255 -11.39 -9.23 6.62
CA TRP B 255 -10.95 -10.61 6.83
C TRP B 255 -10.82 -11.39 5.52
N GLU B 256 -11.90 -11.41 4.74
CA GLU B 256 -11.95 -12.20 3.50
C GLU B 256 -10.75 -11.93 2.56
N PRO B 257 -10.49 -10.66 2.20
CA PRO B 257 -9.37 -10.36 1.31
C PRO B 257 -7.99 -10.57 1.96
N THR B 258 -7.91 -10.45 3.27
CA THR B 258 -6.68 -10.73 4.01
C THR B 258 -6.38 -12.23 3.93
N TYR B 259 -7.41 -13.05 4.15
CA TYR B 259 -7.27 -14.50 4.07
C TYR B 259 -6.85 -14.96 2.67
N GLU B 260 -7.48 -14.38 1.65
CA GLU B 260 -7.13 -14.68 0.25
C GLU B 260 -5.71 -14.26 -0.09
N ALA B 261 -5.22 -13.20 0.56
CA ALA B 261 -3.85 -12.72 0.37
C ALA B 261 -2.83 -13.68 0.98
N LEU B 262 -3.20 -14.32 2.10
CA LEU B 262 -2.33 -15.29 2.74
C LEU B 262 -2.27 -16.63 2.00
N LEU B 263 -3.38 -17.03 1.38
CA LEU B 263 -3.40 -18.24 0.55
C LEU B 263 -2.48 -18.08 -0.67
N ASN B 264 -2.44 -16.87 -1.21
CA ASN B 264 -1.58 -16.53 -2.33
C ASN B 264 -0.11 -16.46 -1.93
N TYR B 265 0.14 -15.84 -0.79
CA TYR B 265 1.48 -15.72 -0.22
C TYR B 265 2.09 -17.09 0.02
N ALA B 266 1.25 -18.04 0.44
CA ALA B 266 1.65 -19.42 0.71
C ALA B 266 2.20 -20.14 -0.52
N LYS B 267 1.76 -19.70 -1.70
CA LYS B 267 2.17 -20.29 -2.97
C LYS B 267 3.61 -19.95 -3.38
N ALA B 268 4.22 -18.99 -2.68
CA ALA B 268 5.53 -18.46 -3.10
C ALA B 268 6.60 -18.37 -1.99
N SER B 269 6.23 -18.70 -0.76
CA SER B 269 7.11 -18.52 0.39
C SER B 269 6.61 -19.34 1.56
N ASP B 270 7.50 -19.57 2.53
CA ASP B 270 7.13 -20.17 3.81
C ASP B 270 7.11 -19.12 4.91
N GLY B 271 7.47 -17.89 4.54
CA GLY B 271 7.44 -16.75 5.45
C GLY B 271 8.58 -16.78 6.46
N SER B 272 8.27 -16.32 7.67
CA SER B 272 9.23 -16.28 8.77
C SER B 272 9.23 -17.63 9.49
N PRO B 273 10.43 -18.10 9.91
CA PRO B 273 10.54 -19.30 10.73
C PRO B 273 9.87 -19.16 12.10
N TYR B 274 9.55 -17.94 12.52
CA TYR B 274 9.06 -17.65 13.87
C TYR B 274 7.56 -17.31 13.94
N ASP B 275 6.93 -17.19 12.77
CA ASP B 275 5.52 -16.79 12.71
C ASP B 275 4.77 -17.50 11.59
N GLY B 276 5.51 -18.17 10.71
CA GLY B 276 4.95 -18.75 9.51
C GLY B 276 4.73 -17.66 8.48
N LEU B 277 3.64 -17.75 7.73
CA LEU B 277 3.31 -16.76 6.72
C LEU B 277 2.61 -15.59 7.40
N ILE B 278 3.35 -14.51 7.63
CA ILE B 278 2.86 -13.39 8.41
C ILE B 278 2.93 -12.07 7.63
N LEU B 279 1.76 -11.47 7.46
CA LEU B 279 1.63 -10.16 6.85
C LEU B 279 1.17 -9.15 7.88
N ARG B 280 1.78 -7.96 7.86
CA ARG B 280 1.31 -6.86 8.70
C ARG B 280 0.39 -5.94 7.90
N TYR B 281 -0.61 -5.38 8.58
CA TYR B 281 -1.46 -4.36 7.98
C TYR B 281 -0.68 -3.06 7.85
N THR B 282 -1.00 -2.28 6.82
CA THR B 282 -0.27 -1.05 6.54
C THR B 282 -1.17 0.15 6.30
N ASN B 283 -0.56 1.33 6.35
CA ASN B 283 -1.15 2.57 5.87
C ASN B 283 -0.81 2.68 4.37
N PRO B 284 -1.82 2.48 3.49
CA PRO B 284 -1.58 2.37 2.05
C PRO B 284 -1.03 3.65 1.43
N GLN B 285 -1.09 4.75 2.16
CA GLN B 285 -0.65 6.05 1.65
C GLN B 285 0.84 6.27 1.89
N THR B 286 1.36 5.74 2.99
CA THR B 286 2.78 5.90 3.35
C THR B 286 3.55 4.58 3.34
N GLY B 287 2.81 3.46 3.39
CA GLY B 287 3.43 2.14 3.45
C GLY B 287 3.83 1.74 4.86
N GLY B 288 3.71 2.68 5.80
CA GLY B 288 4.04 2.45 7.20
C GLY B 288 2.92 1.76 7.95
N HIS B 289 2.95 1.87 9.27
CA HIS B 289 1.95 1.26 10.14
C HIS B 289 0.60 2.00 10.05
N PRO B 290 -0.51 1.30 10.37
CA PRO B 290 -1.86 1.88 10.29
C PRO B 290 -2.05 3.09 11.19
N MET B 291 -1.52 3.01 12.41
CA MET B 291 -1.59 4.12 13.36
C MET B 291 -0.20 4.42 13.89
N LEU B 292 -0.03 5.62 14.45
CA LEU B 292 1.30 6.08 14.89
C LEU B 292 1.87 5.31 16.07
N THR B 293 1.05 4.48 16.70
CA THR B 293 1.43 3.85 17.97
C THR B 293 1.20 2.34 17.98
N MET B 294 0.20 1.88 17.21
CA MET B 294 -0.17 0.47 17.19
C MET B 294 -0.04 -0.10 15.79
N GLY B 295 0.52 -1.31 15.72
CA GLY B 295 0.58 -2.06 14.47
C GLY B 295 -0.32 -3.27 14.61
N ALA B 296 -0.64 -3.89 13.48
CA ALA B 296 -1.51 -5.05 13.47
C ALA B 296 -1.06 -6.06 12.43
N SER B 297 -1.20 -7.34 12.76
CA SER B 297 -0.76 -8.42 11.88
C SER B 297 -1.78 -9.54 11.78
N MET B 298 -1.75 -10.22 10.64
CA MET B 298 -2.49 -11.46 10.44
C MET B 298 -1.48 -12.49 9.92
N GLN B 299 -1.51 -13.69 10.47
CA GLN B 299 -0.58 -14.75 10.07
C GLN B 299 -1.28 -16.08 9.85
N MET B 300 -0.80 -16.84 8.86
CA MET B 300 -1.36 -18.13 8.53
C MET B 300 -0.37 -19.25 8.80
N LEU B 301 -0.77 -20.18 9.67
CA LEU B 301 0.03 -21.35 10.00
C LEU B 301 -0.48 -22.56 9.22
N ARG B 302 0.39 -23.12 8.38
CA ARG B 302 0.07 -24.32 7.59
C ARG B 302 -0.32 -25.48 8.50
N PRO B 303 -1.09 -26.46 7.98
CA PRO B 303 -1.48 -27.58 8.83
C PRO B 303 -0.29 -28.27 9.47
N GLY B 304 -0.34 -28.45 10.79
CA GLY B 304 0.70 -29.15 11.53
C GLY B 304 1.96 -28.37 11.84
N GLU B 305 1.99 -27.09 11.45
CA GLU B 305 3.20 -26.27 11.61
C GLU B 305 3.51 -25.93 13.07
N HIS B 306 4.76 -26.15 13.45
CA HIS B 306 5.27 -25.69 14.74
C HIS B 306 6.39 -24.70 14.47
N THR B 307 6.16 -23.46 14.89
CA THR B 307 7.07 -22.36 14.61
C THR B 307 8.25 -22.36 15.58
N LYS B 308 9.32 -21.65 15.22
CA LYS B 308 10.49 -21.51 16.10
C LYS B 308 10.32 -20.36 17.10
N ALA B 309 10.93 -20.50 18.27
CA ALA B 309 10.81 -19.51 19.34
C ALA B 309 11.71 -18.30 19.12
N HIS B 310 11.21 -17.11 19.49
CA HIS B 310 12.02 -15.88 19.48
C HIS B 310 11.59 -14.84 20.52
N ARG B 311 12.45 -13.85 20.75
CA ARG B 311 12.18 -12.73 21.65
C ARG B 311 12.17 -11.42 20.86
N HIS B 312 11.35 -10.47 21.31
CA HIS B 312 11.44 -9.09 20.83
C HIS B 312 10.90 -8.07 21.83
N THR B 313 11.23 -6.79 21.60
CA THR B 313 10.99 -5.73 22.58
C THR B 313 9.56 -5.19 22.66
N GLY B 314 8.71 -5.61 21.72
CA GLY B 314 7.31 -5.16 21.73
C GLY B 314 6.40 -6.02 22.58
N ASN B 315 5.18 -5.52 22.80
CA ASN B 315 4.12 -6.31 23.43
C ASN B 315 3.06 -6.65 22.39
N VAL B 316 2.66 -7.92 22.34
CA VAL B 316 1.72 -8.38 21.32
C VAL B 316 0.52 -9.09 21.95
N ILE B 317 -0.68 -8.74 21.49
CA ILE B 317 -1.92 -9.41 21.90
C ILE B 317 -2.53 -10.15 20.71
N TYR B 318 -2.74 -11.45 20.88
CA TYR B 318 -3.24 -12.31 19.81
C TYR B 318 -4.73 -12.63 19.96
N ASN B 319 -5.44 -12.61 18.84
CA ASN B 319 -6.81 -13.10 18.76
C ASN B 319 -6.86 -14.17 17.69
N VAL B 320 -7.41 -15.34 18.02
CA VAL B 320 -7.46 -16.45 17.08
C VAL B 320 -8.60 -16.26 16.09
N ALA B 321 -8.25 -15.93 14.84
CA ALA B 321 -9.25 -15.66 13.82
C ALA B 321 -9.83 -16.94 13.22
N LYS B 322 -8.99 -17.97 13.09
CA LYS B 322 -9.41 -19.25 12.51
C LYS B 322 -8.54 -20.40 13.01
N GLY B 323 -9.18 -21.52 13.34
CA GLY B 323 -8.47 -22.76 13.60
C GLY B 323 -8.20 -23.07 15.06
N GLN B 324 -7.29 -24.01 15.27
CA GLN B 324 -7.06 -24.62 16.57
C GLN B 324 -5.61 -25.08 16.70
N GLY B 325 -5.05 -24.96 17.91
CA GLY B 325 -3.68 -25.38 18.17
C GLY B 325 -3.20 -24.90 19.53
N TYR B 326 -1.90 -24.67 19.64
CA TYR B 326 -1.32 -24.16 20.88
C TYR B 326 -0.14 -23.20 20.68
N SER B 327 0.24 -22.53 21.76
CA SER B 327 1.40 -21.66 21.79
C SER B 327 2.11 -21.79 23.13
N ILE B 328 3.43 -21.67 23.10
CA ILE B 328 4.23 -21.69 24.32
C ILE B 328 4.84 -20.30 24.53
N VAL B 329 4.38 -19.61 25.58
CA VAL B 329 4.85 -18.26 25.90
C VAL B 329 5.53 -18.26 27.25
N GLY B 330 6.84 -18.02 27.25
CA GLY B 330 7.63 -18.03 28.48
C GLY B 330 7.52 -19.32 29.28
N GLY B 331 7.44 -20.45 28.60
CA GLY B 331 7.36 -21.76 29.24
C GLY B 331 5.97 -22.33 29.41
N LYS B 332 4.96 -21.46 29.39
CA LYS B 332 3.57 -21.87 29.59
C LYS B 332 2.87 -22.22 28.28
N ARG B 333 2.18 -23.36 28.26
CA ARG B 333 1.43 -23.82 27.09
C ARG B 333 -0.01 -23.32 27.11
N PHE B 334 -0.42 -22.67 26.02
CA PHE B 334 -1.79 -22.18 25.85
C PHE B 334 -2.48 -22.88 24.68
N ASP B 335 -3.32 -23.86 24.99
CA ASP B 335 -4.10 -24.53 23.95
C ASP B 335 -5.28 -23.63 23.58
N TRP B 336 -5.21 -23.06 22.38
CA TRP B 336 -6.24 -22.12 21.94
C TRP B 336 -7.14 -22.67 20.84
N SER B 337 -8.30 -22.05 20.68
CA SER B 337 -9.19 -22.32 19.56
C SER B 337 -9.84 -21.00 19.15
N GLU B 338 -10.74 -21.05 18.16
CA GLU B 338 -11.31 -19.84 17.58
C GLU B 338 -11.75 -18.80 18.61
N HIS B 339 -11.20 -17.60 18.44
CA HIS B 339 -11.51 -16.39 19.22
C HIS B 339 -10.98 -16.33 20.66
N ASP B 340 -10.09 -17.27 20.99
CA ASP B 340 -9.30 -17.17 22.21
C ASP B 340 -8.35 -15.98 22.11
N ILE B 341 -8.03 -15.37 23.25
CA ILE B 341 -7.10 -14.25 23.30
C ILE B 341 -5.95 -14.58 24.24
N PHE B 342 -4.72 -14.33 23.78
CA PHE B 342 -3.55 -14.40 24.64
C PHE B 342 -2.55 -13.31 24.27
N CYS B 343 -1.73 -12.89 25.23
CA CYS B 343 -0.72 -11.89 24.96
C CYS B 343 0.70 -12.40 25.25
N VAL B 344 1.67 -11.75 24.61
CA VAL B 344 3.07 -12.06 24.81
C VAL B 344 3.78 -10.79 25.30
N PRO B 345 4.21 -10.79 26.57
CA PRO B 345 4.98 -9.67 27.12
C PRO B 345 6.29 -9.45 26.38
N ALA B 346 6.85 -8.25 26.51
CA ALA B 346 8.11 -7.88 25.86
C ALA B 346 9.27 -8.77 26.33
N TRP B 347 10.15 -9.11 25.40
CA TRP B 347 11.35 -9.93 25.67
C TRP B 347 11.01 -11.26 26.35
N THR B 348 9.98 -11.92 25.82
CA THR B 348 9.53 -13.22 26.32
C THR B 348 9.54 -14.21 25.17
N TRP B 349 10.12 -15.40 25.40
CA TRP B 349 10.17 -16.43 24.38
C TRP B 349 8.76 -16.86 23.97
N HIS B 350 8.49 -16.88 22.67
CA HIS B 350 7.20 -17.34 22.18
C HIS B 350 7.26 -18.07 20.84
N GLU B 351 6.38 -19.07 20.70
CA GLU B 351 6.26 -19.89 19.50
C GLU B 351 4.80 -20.35 19.32
N HIS B 352 4.41 -20.64 18.07
CA HIS B 352 3.02 -20.96 17.74
C HIS B 352 2.88 -22.29 17.00
N CYS B 353 1.79 -23.01 17.27
CA CYS B 353 1.56 -24.30 16.65
C CYS B 353 0.11 -24.54 16.19
N ASN B 354 -0.02 -25.15 15.01
CA ASN B 354 -1.31 -25.51 14.43
C ASN B 354 -1.52 -27.02 14.54
N THR B 355 -2.46 -27.41 15.41
CA THR B 355 -2.77 -28.81 15.71
C THR B 355 -3.54 -29.53 14.58
N GLN B 356 -4.23 -28.76 13.74
CA GLN B 356 -5.09 -29.32 12.68
C GLN B 356 -4.32 -30.10 11.62
N GLU B 357 -4.99 -31.06 10.99
CA GLU B 357 -4.39 -31.97 10.02
C GLU B 357 -4.53 -31.50 8.57
N ARG B 358 -5.69 -30.94 8.23
CA ARG B 358 -5.99 -30.51 6.87
C ARG B 358 -6.09 -28.99 6.71
N ASP B 359 -6.58 -28.32 7.75
CA ASP B 359 -6.89 -26.89 7.67
C ASP B 359 -5.83 -26.00 8.30
N ASP B 360 -5.61 -24.85 7.66
CA ASP B 360 -4.71 -23.82 8.18
C ASP B 360 -5.32 -23.10 9.39
N ALA B 361 -4.47 -22.49 10.20
CA ALA B 361 -4.92 -21.66 11.30
C ALA B 361 -4.42 -20.23 11.14
N CYS B 362 -5.28 -19.28 11.49
CA CYS B 362 -4.92 -17.87 11.39
C CYS B 362 -4.98 -17.16 12.73
N LEU B 363 -3.93 -16.39 13.01
CA LEU B 363 -3.84 -15.62 14.24
C LEU B 363 -3.75 -14.13 13.93
N PHE B 364 -4.78 -13.39 14.35
CA PHE B 364 -4.74 -11.94 14.32
C PHE B 364 -3.94 -11.47 15.52
N SER B 365 -3.25 -10.35 15.36
CA SER B 365 -2.53 -9.74 16.47
C SER B 365 -2.48 -8.22 16.30
N PHE B 366 -2.43 -7.52 17.42
CA PHE B 366 -2.11 -6.11 17.42
C PHE B 366 -1.02 -5.83 18.44
N ASN B 367 -0.22 -4.81 18.20
CA ASN B 367 1.04 -4.68 18.92
C ASN B 367 1.52 -3.28 19.21
N ASP B 368 2.71 -3.25 19.81
CA ASP B 368 3.37 -2.08 20.34
C ASP B 368 4.39 -1.53 19.34
N PHE B 369 4.64 -2.30 18.27
CA PHE B 369 5.82 -2.13 17.41
C PHE B 369 6.17 -0.70 16.92
N PRO B 370 5.17 0.07 16.43
CA PRO B 370 5.49 1.41 15.93
C PRO B 370 6.24 2.27 16.94
N VAL B 371 5.92 2.13 18.22
CA VAL B 371 6.64 2.90 19.25
C VAL B 371 8.08 2.40 19.41
N MET B 372 8.29 1.09 19.29
CA MET B 372 9.64 0.54 19.43
C MET B 372 10.48 0.86 18.20
N GLU B 373 9.86 0.79 17.02
CA GLU B 373 10.56 1.04 15.76
C GLU B 373 10.99 2.50 15.61
N LYS B 374 10.09 3.42 15.95
CA LYS B 374 10.35 4.86 15.79
C LYS B 374 11.31 5.45 16.79
N LEU B 375 11.34 4.88 17.99
CA LEU B 375 12.23 5.36 19.05
C LEU B 375 13.56 4.58 19.07
N GLY B 376 13.73 3.68 18.11
CA GLY B 376 14.96 2.90 17.97
C GLY B 376 15.20 1.89 19.06
N PHE B 377 14.11 1.33 19.59
CA PHE B 377 14.18 0.33 20.66
C PHE B 377 13.93 -1.11 20.22
N TRP B 378 13.77 -1.33 18.92
CA TRP B 378 13.48 -2.66 18.40
C TRP B 378 14.67 -3.60 18.51
N ALA B 379 14.43 -4.78 19.06
CA ALA B 379 15.44 -5.83 19.18
C ALA B 379 14.79 -7.20 19.05
N GLU B 380 15.45 -8.11 18.37
CA GLU B 380 14.95 -9.47 18.19
C GLU B 380 16.06 -10.49 18.38
N GLN B 381 15.70 -11.66 18.93
CA GLN B 381 16.67 -12.73 19.20
C GLN B 381 16.02 -14.11 19.08
N ALA B 382 16.73 -15.03 18.43
CA ALA B 382 16.24 -16.40 18.24
C ALA B 382 16.72 -17.34 19.35
N LEU B 383 15.87 -18.30 19.71
CA LEU B 383 16.24 -19.33 20.70
C LEU B 383 17.18 -20.32 20.03
N GLU B 384 18.39 -20.43 20.57
CA GLU B 384 19.40 -21.32 20.01
C GLU B 384 19.21 -22.75 20.49
N ASP B 385 19.00 -22.90 21.80
CA ASP B 385 18.91 -24.21 22.44
C ASP B 385 17.70 -25.00 22.00
N ASN B 386 17.81 -26.33 22.09
CA ASN B 386 16.67 -27.25 22.00
C ASN B 386 15.94 -27.23 20.65
N GLY B 387 16.67 -26.93 19.58
CA GLY B 387 16.12 -26.89 18.22
C GLY B 387 15.17 -25.75 17.95
N GLY B 388 15.33 -24.66 18.71
CA GLY B 388 14.49 -23.47 18.55
C GLY B 388 13.13 -23.56 19.22
N HIS B 389 12.99 -24.54 20.12
CA HIS B 389 11.75 -24.77 20.86
C HIS B 389 12.00 -24.63 22.35
N GLN B 390 11.08 -23.97 23.05
CA GLN B 390 11.16 -23.82 24.51
C GLN B 390 10.89 -25.12 25.24
N ILE B 391 11.52 -25.28 26.40
CA ILE B 391 11.13 -26.33 27.33
C ILE B 391 9.84 -25.90 28.02
N VAL B 392 8.80 -26.70 27.85
CA VAL B 392 7.48 -26.39 28.39
C VAL B 392 7.47 -26.70 29.88
N ALA B 393 7.23 -25.67 30.69
CA ALA B 393 7.23 -25.78 32.15
C ALA B 393 5.85 -26.15 32.67
N ASP B 394 5.38 -27.34 32.30
CA ASP B 394 4.06 -27.86 32.69
C ASP B 394 2.93 -26.87 32.41
#